data_1YP5
# 
_entry.id   1YP5 
# 
_audit_conform.dict_name       mmcif_pdbx.dic 
_audit_conform.dict_version    5.388 
_audit_conform.dict_location   http://mmcif.pdb.org/dictionaries/ascii/mmcif_pdbx.dic 
# 
loop_
_database_2.database_id 
_database_2.database_code 
_database_2.pdbx_database_accession 
_database_2.pdbx_DOI 
PDB   1YP5         pdb_00001yp5 10.2210/pdb1yp5/pdb 
RCSB  RCSB031773   ?            ?                   
WWPDB D_1000031773 ?            ?                   
# 
loop_
_pdbx_audit_revision_history.ordinal 
_pdbx_audit_revision_history.data_content_type 
_pdbx_audit_revision_history.major_revision 
_pdbx_audit_revision_history.minor_revision 
_pdbx_audit_revision_history.revision_date 
1 'Structure model' 1 0 2006-01-17 
2 'Structure model' 1 1 2008-04-30 
3 'Structure model' 1 2 2011-07-13 
4 'Structure model' 1 3 2018-09-26 
5 'Structure model' 1 4 2024-03-13 
# 
_pdbx_audit_revision_details.ordinal             1 
_pdbx_audit_revision_details.revision_ordinal    1 
_pdbx_audit_revision_details.data_content_type   'Structure model' 
_pdbx_audit_revision_details.provider            repository 
_pdbx_audit_revision_details.type                'Initial release' 
_pdbx_audit_revision_details.description         ? 
_pdbx_audit_revision_details.details             ? 
# 
loop_
_pdbx_audit_revision_group.ordinal 
_pdbx_audit_revision_group.revision_ordinal 
_pdbx_audit_revision_group.data_content_type 
_pdbx_audit_revision_group.group 
1 2 'Structure model' 'Version format compliance' 
2 3 'Structure model' Advisory                    
3 3 'Structure model' 'Version format compliance' 
4 4 'Structure model' 'Data collection'           
5 4 'Structure model' 'Database references'       
6 4 'Structure model' 'Structure summary'         
7 5 'Structure model' 'Data collection'           
8 5 'Structure model' 'Database references'       
# 
loop_
_pdbx_audit_revision_category.ordinal 
_pdbx_audit_revision_category.revision_ordinal 
_pdbx_audit_revision_category.data_content_type 
_pdbx_audit_revision_category.category 
1 4 'Structure model' audit_author                
2 4 'Structure model' citation_author             
3 4 'Structure model' diffrn_radiation_wavelength 
4 4 'Structure model' diffrn_source               
5 5 'Structure model' chem_comp_atom              
6 5 'Structure model' chem_comp_bond              
7 5 'Structure model' database_2                  
# 
loop_
_pdbx_audit_revision_item.ordinal 
_pdbx_audit_revision_item.revision_ordinal 
_pdbx_audit_revision_item.data_content_type 
_pdbx_audit_revision_item.item 
1 4 'Structure model' '_audit_author.name'                      
2 4 'Structure model' '_citation_author.name'                   
3 4 'Structure model' '_diffrn_radiation_wavelength.wavelength' 
4 4 'Structure model' '_diffrn_source.pdbx_synchrotron_site'    
5 4 'Structure model' '_diffrn_source.pdbx_wavelength_list'     
6 5 'Structure model' '_database_2.pdbx_DOI'                    
7 5 'Structure model' '_database_2.pdbx_database_accession'     
# 
_pdbx_database_status.status_code                     REL 
_pdbx_database_status.entry_id                        1YP5 
_pdbx_database_status.recvd_initial_deposition_date   2005-01-29 
_pdbx_database_status.deposit_site                    RCSB 
_pdbx_database_status.process_site                    PDBJ 
_pdbx_database_status.status_code_sf                  REL 
_pdbx_database_status.status_code_mr                  ? 
_pdbx_database_status.SG_entry                        ? 
_pdbx_database_status.pdb_format_compatible           Y 
_pdbx_database_status.status_code_cs                  ? 
_pdbx_database_status.methods_development_category    ? 
_pdbx_database_status.status_code_nmr_data            ? 
# 
_pdbx_database_related.db_name        PDB 
_pdbx_database_related.db_id          1R6S 
_pdbx_database_related.details        . 
_pdbx_database_related.content_type   unspecified 
# 
loop_
_audit_author.name 
_audit_author.pdbx_ordinal 
_audit_author.identifier_ORCID 
'Gonfloni, S.' 1 ? 
'Kursula, P.'  2 ? 
'Sacco, R.'    3 ? 
'Cesareni, G.' 4 ? 
'Wilmanns, M.' 5 ? 
# 
_citation.id                        primary 
_citation.title                     'Yeast Myo5 SH3 domain, tetragonal crystal form' 
_citation.journal_abbrev            'To be Published' 
_citation.journal_volume            ? 
_citation.page_first                ? 
_citation.page_last                 ? 
_citation.year                      ? 
_citation.journal_id_ASTM           ? 
_citation.country                   ? 
_citation.journal_id_ISSN           ? 
_citation.journal_id_CSD            0353 
_citation.book_publisher            ? 
_citation.pdbx_database_id_PubMed   ? 
_citation.pdbx_database_id_DOI      ? 
# 
loop_
_citation_author.citation_id 
_citation_author.name 
_citation_author.ordinal 
_citation_author.identifier_ORCID 
primary 'Gonfloni, S.' 1 ? 
primary 'Kursula, P.'  2 ? 
primary 'Sacco, R.'    3 ? 
primary 'Cesareni, G.' 4 ? 
primary 'Wilmanns, M.' 5 ? 
# 
loop_
_entity.id 
_entity.type 
_entity.src_method 
_entity.pdbx_description 
_entity.formula_weight 
_entity.pdbx_number_of_molecules 
_entity.pdbx_ec 
_entity.pdbx_mutation 
_entity.pdbx_fragment 
_entity.details 
1 polymer man 'Myosin-5 isoform' 6376.206 1  ? ? 'SH3 domain' ? 
2 water   nat water              18.015   60 ? ? ?            ? 
# 
_entity_poly.entity_id                      1 
_entity_poly.type                           'polypeptide(L)' 
_entity_poly.nstd_linkage                   no 
_entity_poly.nstd_monomer                   no 
_entity_poly.pdbx_seq_one_letter_code       PMFEAAYDFPGSGSPSELPLKKGDVIYITREEPSGWSLGKLLDGSKEGWVPTAYMKPH 
_entity_poly.pdbx_seq_one_letter_code_can   PMFEAAYDFPGSGSPSELPLKKGDVIYITREEPSGWSLGKLLDGSKEGWVPTAYMKPH 
_entity_poly.pdbx_strand_id                 A 
_entity_poly.pdbx_target_identifier         ? 
# 
_pdbx_entity_nonpoly.entity_id   2 
_pdbx_entity_nonpoly.name        water 
_pdbx_entity_nonpoly.comp_id     HOH 
# 
loop_
_entity_poly_seq.entity_id 
_entity_poly_seq.num 
_entity_poly_seq.mon_id 
_entity_poly_seq.hetero 
1 1  PRO n 
1 2  MET n 
1 3  PHE n 
1 4  GLU n 
1 5  ALA n 
1 6  ALA n 
1 7  TYR n 
1 8  ASP n 
1 9  PHE n 
1 10 PRO n 
1 11 GLY n 
1 12 SER n 
1 13 GLY n 
1 14 SER n 
1 15 PRO n 
1 16 SER n 
1 17 GLU n 
1 18 LEU n 
1 19 PRO n 
1 20 LEU n 
1 21 LYS n 
1 22 LYS n 
1 23 GLY n 
1 24 ASP n 
1 25 VAL n 
1 26 ILE n 
1 27 TYR n 
1 28 ILE n 
1 29 THR n 
1 30 ARG n 
1 31 GLU n 
1 32 GLU n 
1 33 PRO n 
1 34 SER n 
1 35 GLY n 
1 36 TRP n 
1 37 SER n 
1 38 LEU n 
1 39 GLY n 
1 40 LYS n 
1 41 LEU n 
1 42 LEU n 
1 43 ASP n 
1 44 GLY n 
1 45 SER n 
1 46 LYS n 
1 47 GLU n 
1 48 GLY n 
1 49 TRP n 
1 50 VAL n 
1 51 PRO n 
1 52 THR n 
1 53 ALA n 
1 54 TYR n 
1 55 MET n 
1 56 LYS n 
1 57 PRO n 
1 58 HIS n 
# 
_entity_src_gen.entity_id                          1 
_entity_src_gen.pdbx_src_id                        1 
_entity_src_gen.pdbx_alt_source_flag               sample 
_entity_src_gen.pdbx_seq_type                      ? 
_entity_src_gen.pdbx_beg_seq_num                   ? 
_entity_src_gen.pdbx_end_seq_num                   ? 
_entity_src_gen.gene_src_common_name               
;baker's yeast
;
_entity_src_gen.gene_src_genus                     Saccharomyces 
_entity_src_gen.pdbx_gene_src_gene                 ? 
_entity_src_gen.gene_src_species                   ? 
_entity_src_gen.gene_src_strain                    ? 
_entity_src_gen.gene_src_tissue                    ? 
_entity_src_gen.gene_src_tissue_fraction           ? 
_entity_src_gen.gene_src_details                   ? 
_entity_src_gen.pdbx_gene_src_fragment             ? 
_entity_src_gen.pdbx_gene_src_scientific_name      'Saccharomyces cerevisiae' 
_entity_src_gen.pdbx_gene_src_ncbi_taxonomy_id     4932 
_entity_src_gen.pdbx_gene_src_variant              ? 
_entity_src_gen.pdbx_gene_src_cell_line            ? 
_entity_src_gen.pdbx_gene_src_atcc                 ? 
_entity_src_gen.pdbx_gene_src_organ                ? 
_entity_src_gen.pdbx_gene_src_organelle            ? 
_entity_src_gen.pdbx_gene_src_cell                 ? 
_entity_src_gen.pdbx_gene_src_cellular_location    ? 
_entity_src_gen.host_org_common_name               ? 
_entity_src_gen.pdbx_host_org_scientific_name      'Escherichia coli' 
_entity_src_gen.pdbx_host_org_ncbi_taxonomy_id     562 
_entity_src_gen.host_org_genus                     Escherichia 
_entity_src_gen.pdbx_host_org_gene                 ? 
_entity_src_gen.pdbx_host_org_organ                ? 
_entity_src_gen.host_org_species                   ? 
_entity_src_gen.pdbx_host_org_tissue               ? 
_entity_src_gen.pdbx_host_org_tissue_fraction      ? 
_entity_src_gen.pdbx_host_org_strain               ? 
_entity_src_gen.pdbx_host_org_variant              ? 
_entity_src_gen.pdbx_host_org_cell_line            ? 
_entity_src_gen.pdbx_host_org_atcc                 ? 
_entity_src_gen.pdbx_host_org_culture_collection   ? 
_entity_src_gen.pdbx_host_org_cell                 ? 
_entity_src_gen.pdbx_host_org_organelle            ? 
_entity_src_gen.pdbx_host_org_cellular_location    ? 
_entity_src_gen.pdbx_host_org_vector_type          ? 
_entity_src_gen.pdbx_host_org_vector               ? 
_entity_src_gen.host_org_details                   ? 
_entity_src_gen.expression_system_id               ? 
_entity_src_gen.plasmid_name                       ? 
_entity_src_gen.plasmid_details                    ? 
_entity_src_gen.pdbx_description                   ? 
# 
loop_
_chem_comp.id 
_chem_comp.type 
_chem_comp.mon_nstd_flag 
_chem_comp.name 
_chem_comp.pdbx_synonyms 
_chem_comp.formula 
_chem_comp.formula_weight 
ALA 'L-peptide linking' y ALANINE         ? 'C3 H7 N O2'     89.093  
ARG 'L-peptide linking' y ARGININE        ? 'C6 H15 N4 O2 1' 175.209 
ASP 'L-peptide linking' y 'ASPARTIC ACID' ? 'C4 H7 N O4'     133.103 
GLU 'L-peptide linking' y 'GLUTAMIC ACID' ? 'C5 H9 N O4'     147.129 
GLY 'peptide linking'   y GLYCINE         ? 'C2 H5 N O2'     75.067  
HIS 'L-peptide linking' y HISTIDINE       ? 'C6 H10 N3 O2 1' 156.162 
HOH non-polymer         . WATER           ? 'H2 O'           18.015  
ILE 'L-peptide linking' y ISOLEUCINE      ? 'C6 H13 N O2'    131.173 
LEU 'L-peptide linking' y LEUCINE         ? 'C6 H13 N O2'    131.173 
LYS 'L-peptide linking' y LYSINE          ? 'C6 H15 N2 O2 1' 147.195 
MET 'L-peptide linking' y METHIONINE      ? 'C5 H11 N O2 S'  149.211 
PHE 'L-peptide linking' y PHENYLALANINE   ? 'C9 H11 N O2'    165.189 
PRO 'L-peptide linking' y PROLINE         ? 'C5 H9 N O2'     115.130 
SER 'L-peptide linking' y SERINE          ? 'C3 H7 N O3'     105.093 
THR 'L-peptide linking' y THREONINE       ? 'C4 H9 N O3'     119.119 
TRP 'L-peptide linking' y TRYPTOPHAN      ? 'C11 H12 N2 O2'  204.225 
TYR 'L-peptide linking' y TYROSINE        ? 'C9 H11 N O3'    181.189 
VAL 'L-peptide linking' y VALINE          ? 'C5 H11 N O2'    117.146 
# 
loop_
_pdbx_poly_seq_scheme.asym_id 
_pdbx_poly_seq_scheme.entity_id 
_pdbx_poly_seq_scheme.seq_id 
_pdbx_poly_seq_scheme.mon_id 
_pdbx_poly_seq_scheme.ndb_seq_num 
_pdbx_poly_seq_scheme.pdb_seq_num 
_pdbx_poly_seq_scheme.auth_seq_num 
_pdbx_poly_seq_scheme.pdb_mon_id 
_pdbx_poly_seq_scheme.auth_mon_id 
_pdbx_poly_seq_scheme.pdb_strand_id 
_pdbx_poly_seq_scheme.pdb_ins_code 
_pdbx_poly_seq_scheme.hetero 
A 1 1  PRO 1  1  1  PRO PRO A . n 
A 1 2  MET 2  2  2  MET MET A . n 
A 1 3  PHE 3  3  3  PHE PHE A . n 
A 1 4  GLU 4  4  4  GLU GLU A . n 
A 1 5  ALA 5  5  5  ALA ALA A . n 
A 1 6  ALA 6  6  6  ALA ALA A . n 
A 1 7  TYR 7  7  7  TYR TYR A . n 
A 1 8  ASP 8  8  8  ASP ASP A . n 
A 1 9  PHE 9  9  9  PHE PHE A . n 
A 1 10 PRO 10 10 10 PRO PRO A . n 
A 1 11 GLY 11 11 11 GLY GLY A . n 
A 1 12 SER 12 12 12 SER SER A . n 
A 1 13 GLY 13 13 13 GLY GLY A . n 
A 1 14 SER 14 14 14 SER SER A . n 
A 1 15 PRO 15 15 15 PRO PRO A . n 
A 1 16 SER 16 16 16 SER SER A . n 
A 1 17 GLU 17 17 17 GLU GLU A . n 
A 1 18 LEU 18 18 18 LEU LEU A . n 
A 1 19 PRO 19 19 19 PRO PRO A . n 
A 1 20 LEU 20 20 20 LEU LEU A . n 
A 1 21 LYS 21 21 21 LYS LYS A . n 
A 1 22 LYS 22 22 22 LYS LYS A . n 
A 1 23 GLY 23 23 23 GLY GLY A . n 
A 1 24 ASP 24 24 24 ASP ASP A . n 
A 1 25 VAL 25 25 25 VAL VAL A . n 
A 1 26 ILE 26 26 26 ILE ILE A . n 
A 1 27 TYR 27 27 27 TYR TYR A . n 
A 1 28 ILE 28 28 28 ILE ILE A . n 
A 1 29 THR 29 29 29 THR THR A . n 
A 1 30 ARG 30 30 30 ARG ARG A . n 
A 1 31 GLU 31 31 31 GLU GLU A . n 
A 1 32 GLU 32 32 32 GLU GLU A . n 
A 1 33 PRO 33 33 33 PRO PRO A . n 
A 1 34 SER 34 34 34 SER SER A . n 
A 1 35 GLY 35 35 35 GLY GLY A . n 
A 1 36 TRP 36 36 36 TRP TRP A . n 
A 1 37 SER 37 37 37 SER SER A . n 
A 1 38 LEU 38 38 38 LEU LEU A . n 
A 1 39 GLY 39 39 39 GLY GLY A . n 
A 1 40 LYS 40 40 40 LYS LYS A . n 
A 1 41 LEU 41 41 41 LEU LEU A . n 
A 1 42 LEU 42 42 42 LEU LEU A . n 
A 1 43 ASP 43 43 43 ASP ASP A . n 
A 1 44 GLY 44 44 44 GLY GLY A . n 
A 1 45 SER 45 45 45 SER SER A . n 
A 1 46 LYS 46 46 46 LYS LYS A . n 
A 1 47 GLU 47 47 47 GLU GLU A . n 
A 1 48 GLY 48 48 48 GLY GLY A . n 
A 1 49 TRP 49 49 49 TRP TRP A . n 
A 1 50 VAL 50 50 50 VAL VAL A . n 
A 1 51 PRO 51 51 51 PRO PRO A . n 
A 1 52 THR 52 52 52 THR THR A . n 
A 1 53 ALA 53 53 53 ALA ALA A . n 
A 1 54 TYR 54 54 54 TYR TYR A . n 
A 1 55 MET 55 55 55 MET MET A . n 
A 1 56 LYS 56 56 56 LYS LYS A . n 
A 1 57 PRO 57 57 57 PRO PRO A . n 
A 1 58 HIS 58 58 58 HIS HIS A . n 
# 
loop_
_pdbx_nonpoly_scheme.asym_id 
_pdbx_nonpoly_scheme.entity_id 
_pdbx_nonpoly_scheme.mon_id 
_pdbx_nonpoly_scheme.ndb_seq_num 
_pdbx_nonpoly_scheme.pdb_seq_num 
_pdbx_nonpoly_scheme.auth_seq_num 
_pdbx_nonpoly_scheme.pdb_mon_id 
_pdbx_nonpoly_scheme.auth_mon_id 
_pdbx_nonpoly_scheme.pdb_strand_id 
_pdbx_nonpoly_scheme.pdb_ins_code 
B 2 HOH 1  59  57  HOH HOH A . 
B 2 HOH 2  60  58  HOH HOH A . 
B 2 HOH 3  61  59  HOH HOH A . 
B 2 HOH 4  62  60  HOH HOH A . 
B 2 HOH 5  63  61  HOH HOH A . 
B 2 HOH 6  64  62  HOH HOH A . 
B 2 HOH 7  65  63  HOH HOH A . 
B 2 HOH 8  66  64  HOH HOH A . 
B 2 HOH 9  67  65  HOH HOH A . 
B 2 HOH 10 68  66  HOH HOH A . 
B 2 HOH 11 69  67  HOH HOH A . 
B 2 HOH 12 70  68  HOH HOH A . 
B 2 HOH 13 71  69  HOH HOH A . 
B 2 HOH 14 72  70  HOH HOH A . 
B 2 HOH 15 73  71  HOH HOH A . 
B 2 HOH 16 74  72  HOH HOH A . 
B 2 HOH 17 75  73  HOH HOH A . 
B 2 HOH 18 76  74  HOH HOH A . 
B 2 HOH 19 77  75  HOH HOH A . 
B 2 HOH 20 78  76  HOH HOH A . 
B 2 HOH 21 79  77  HOH HOH A . 
B 2 HOH 22 80  78  HOH HOH A . 
B 2 HOH 23 81  79  HOH HOH A . 
B 2 HOH 24 82  80  HOH HOH A . 
B 2 HOH 25 83  81  HOH HOH A . 
B 2 HOH 26 84  82  HOH HOH A . 
B 2 HOH 27 85  83  HOH HOH A . 
B 2 HOH 28 86  84  HOH HOH A . 
B 2 HOH 29 87  85  HOH HOH A . 
B 2 HOH 30 88  86  HOH HOH A . 
B 2 HOH 31 89  87  HOH HOH A . 
B 2 HOH 32 90  88  HOH HOH A . 
B 2 HOH 33 91  89  HOH HOH A . 
B 2 HOH 34 92  90  HOH HOH A . 
B 2 HOH 35 93  91  HOH HOH A . 
B 2 HOH 36 94  92  HOH HOH A . 
B 2 HOH 37 95  93  HOH HOH A . 
B 2 HOH 38 96  94  HOH HOH A . 
B 2 HOH 39 97  95  HOH HOH A . 
B 2 HOH 40 98  96  HOH HOH A . 
B 2 HOH 41 99  97  HOH HOH A . 
B 2 HOH 42 100 98  HOH HOH A . 
B 2 HOH 43 101 99  HOH HOH A . 
B 2 HOH 44 102 100 HOH HOH A . 
B 2 HOH 45 103 101 HOH HOH A . 
B 2 HOH 46 104 102 HOH HOH A . 
B 2 HOH 47 105 103 HOH HOH A . 
B 2 HOH 48 106 104 HOH HOH A . 
B 2 HOH 49 107 105 HOH HOH A . 
B 2 HOH 50 108 106 HOH HOH A . 
B 2 HOH 51 109 107 HOH HOH A . 
B 2 HOH 52 110 108 HOH HOH A . 
B 2 HOH 53 111 109 HOH HOH A . 
B 2 HOH 54 112 110 HOH HOH A . 
B 2 HOH 55 113 111 HOH HOH A . 
B 2 HOH 56 114 112 HOH HOH A . 
B 2 HOH 57 115 113 HOH HOH A . 
B 2 HOH 58 116 114 HOH HOH A . 
B 2 HOH 59 117 115 HOH HOH A . 
B 2 HOH 60 118 116 HOH HOH A . 
# 
loop_
_software.name 
_software.classification 
_software.version 
_software.citation_id 
_software.pdbx_ordinal 
_software.date 
_software.type 
_software.location 
_software.language 
REFMAC refinement       5.2.0000 ? 1 ? ? ? ? 
XDS    'data reduction' .        ? 2 ? ? ? ? 
XDS    'data scaling'   .        ? 3 ? ? ? ? 
MOLREP phasing          .        ? 4 ? ? ? ? 
# 
_cell.entry_id           1YP5 
_cell.length_a           34.620 
_cell.length_b           34.620 
_cell.length_c           99.480 
_cell.angle_alpha        90.00 
_cell.angle_beta         90.00 
_cell.angle_gamma        90.00 
_cell.Z_PDB              8 
_cell.pdbx_unique_axis   ? 
_cell.length_a_esd       ? 
_cell.length_b_esd       ? 
_cell.length_c_esd       ? 
_cell.angle_alpha_esd    ? 
_cell.angle_beta_esd     ? 
_cell.angle_gamma_esd    ? 
# 
_symmetry.entry_id                         1YP5 
_symmetry.space_group_name_H-M             'P 41 21 2' 
_symmetry.pdbx_full_space_group_name_H-M   ? 
_symmetry.cell_setting                     ? 
_symmetry.Int_Tables_number                92 
_symmetry.space_group_name_Hall            ? 
# 
_exptl.entry_id          1YP5 
_exptl.method            'X-RAY DIFFRACTION' 
_exptl.crystals_number   1 
# 
_exptl_crystal.id                    1 
_exptl_crystal.density_meas          ? 
_exptl_crystal.density_Matthews      2.3 
_exptl_crystal.density_percent_sol   46 
_exptl_crystal.description           ? 
_exptl_crystal.F_000                 ? 
_exptl_crystal.preparation           ? 
# 
_exptl_crystal_grow.crystal_id      1 
_exptl_crystal_grow.method          'VAPOR DIFFUSION, SITTING DROP' 
_exptl_crystal_grow.temp            295 
_exptl_crystal_grow.temp_details    ? 
_exptl_crystal_grow.pH              ? 
_exptl_crystal_grow.pdbx_details    'sodium malonate, VAPOR DIFFUSION, SITTING DROP, temperature 295K' 
_exptl_crystal_grow.pdbx_pH_range   . 
# 
_diffrn.id                     1 
_diffrn.ambient_temp           100 
_diffrn.ambient_temp_details   ? 
_diffrn.crystal_id             1 
# 
_diffrn_detector.diffrn_id              1 
_diffrn_detector.detector               CCD 
_diffrn_detector.type                   MARRESEARCH 
_diffrn_detector.pdbx_collection_date   ? 
_diffrn_detector.details                ? 
# 
_diffrn_radiation.diffrn_id                        1 
_diffrn_radiation.wavelength_id                    1 
_diffrn_radiation.pdbx_monochromatic_or_laue_m_l   M 
_diffrn_radiation.monochromator                    ? 
_diffrn_radiation.pdbx_diffrn_protocol             'SINGLE WAVELENGTH' 
_diffrn_radiation.pdbx_scattering_type             x-ray 
# 
_diffrn_radiation_wavelength.id           1 
_diffrn_radiation_wavelength.wavelength   0.81 
_diffrn_radiation_wavelength.wt           1.0 
# 
_diffrn_source.diffrn_id                   1 
_diffrn_source.source                      SYNCHROTRON 
_diffrn_source.type                        'EMBL/DESY, HAMBURG BEAMLINE X11' 
_diffrn_source.pdbx_synchrotron_site       'EMBL/DESY, HAMBURG' 
_diffrn_source.pdbx_synchrotron_beamline   X11 
_diffrn_source.pdbx_wavelength             ? 
_diffrn_source.pdbx_wavelength_list        0.81 
# 
_reflns.entry_id                     1YP5 
_reflns.observed_criterion_sigma_F   -3 
_reflns.observed_criterion_sigma_I   -3 
_reflns.d_resolution_high            1.68 
_reflns.d_resolution_low             20 
_reflns.number_all                   7261 
_reflns.number_obs                   7261 
_reflns.percent_possible_obs         96.8 
_reflns.pdbx_Rmerge_I_obs            ? 
_reflns.pdbx_Rsym_value              0.053 
_reflns.pdbx_netI_over_sigmaI        17.6 
_reflns.B_iso_Wilson_estimate        26 
_reflns.pdbx_redundancy              5 
_reflns.R_free_details               ? 
_reflns.limit_h_max                  ? 
_reflns.limit_h_min                  ? 
_reflns.limit_k_max                  ? 
_reflns.limit_k_min                  ? 
_reflns.limit_l_max                  ? 
_reflns.limit_l_min                  ? 
_reflns.observed_criterion_F_max     ? 
_reflns.observed_criterion_F_min     ? 
_reflns.pdbx_chi_squared             ? 
_reflns.pdbx_scaling_rejects         ? 
_reflns.pdbx_ordinal                 1 
_reflns.pdbx_diffrn_id               1 
# 
_reflns_shell.d_res_high             1.68 
_reflns_shell.d_res_low              1.75 
_reflns_shell.percent_possible_all   99.6 
_reflns_shell.Rmerge_I_obs           ? 
_reflns_shell.pdbx_Rsym_value        0.422 
_reflns_shell.meanI_over_sigI_obs    3.7 
_reflns_shell.pdbx_redundancy        4.9 
_reflns_shell.percent_possible_obs   ? 
_reflns_shell.number_unique_all      824 
_reflns_shell.number_measured_all    ? 
_reflns_shell.number_measured_obs    ? 
_reflns_shell.number_unique_obs      ? 
_reflns_shell.pdbx_chi_squared       ? 
_reflns_shell.pdbx_ordinal           1 
_reflns_shell.pdbx_diffrn_id         1 
# 
_refine.entry_id                                 1YP5 
_refine.ls_number_reflns_obs                     7259 
_refine.ls_number_reflns_all                     7259 
_refine.pdbx_ls_sigma_I                          ? 
_refine.pdbx_ls_sigma_F                          -3 
_refine.pdbx_data_cutoff_high_absF               ? 
_refine.pdbx_data_cutoff_low_absF                ? 
_refine.pdbx_data_cutoff_high_rms_absF           ? 
_refine.ls_d_res_low                             20.00 
_refine.ls_d_res_high                            1.68 
_refine.ls_percent_reflns_obs                    96.89 
_refine.ls_R_factor_obs                          0.19156 
_refine.ls_R_factor_all                          0.19156 
_refine.ls_R_factor_R_work                       0.18997 
_refine.ls_R_factor_R_free                       0.22235 
_refine.ls_R_factor_R_free_error                 ? 
_refine.ls_R_factor_R_free_error_details         ? 
_refine.ls_percent_reflns_R_free                 5.0 
_refine.ls_number_reflns_R_free                  363 
_refine.ls_number_parameters                     ? 
_refine.ls_number_restraints                     ? 
_refine.occupancy_min                            ? 
_refine.occupancy_max                            ? 
_refine.correlation_coeff_Fo_to_Fc               0.960 
_refine.correlation_coeff_Fo_to_Fc_free          0.945 
_refine.B_iso_mean                               22.210 
_refine.aniso_B[1][1]                            1.01 
_refine.aniso_B[2][2]                            1.01 
_refine.aniso_B[3][3]                            -2.02 
_refine.aniso_B[1][2]                            0.00 
_refine.aniso_B[1][3]                            0.00 
_refine.aniso_B[2][3]                            0.00 
_refine.solvent_model_details                    'BABINET MODEL WITH MASK' 
_refine.solvent_model_param_ksol                 ? 
_refine.solvent_model_param_bsol                 ? 
_refine.pdbx_solvent_vdw_probe_radii             1.20 
_refine.pdbx_solvent_ion_probe_radii             0.80 
_refine.pdbx_solvent_shrinkage_radii             0.80 
_refine.pdbx_ls_cross_valid_method               THROUGHOUT 
_refine.details                                  'HYDROGENS HAVE BEEN ADDED IN THE RIDING POSITIONS' 
_refine.pdbx_starting_model                      ? 
_refine.pdbx_method_to_determine_struct          'MOLECULAR REPLACEMENT' 
_refine.pdbx_isotropic_thermal_model             'TLS REFINEMENT' 
_refine.pdbx_stereochemistry_target_values       'Engh & Huber' 
_refine.pdbx_stereochem_target_val_spec_case     ? 
_refine.pdbx_R_Free_selection_details            RANDOM 
_refine.pdbx_overall_ESU_R                       0.109 
_refine.pdbx_overall_ESU_R_Free                  0.106 
_refine.overall_SU_ML                            0.083 
_refine.overall_SU_B                             5.089 
_refine.ls_redundancy_reflns_obs                 ? 
_refine.B_iso_min                                ? 
_refine.B_iso_max                                ? 
_refine.overall_SU_R_Cruickshank_DPI             ? 
_refine.overall_SU_R_free                        ? 
_refine.ls_wR_factor_R_free                      ? 
_refine.ls_wR_factor_R_work                      ? 
_refine.overall_FOM_free_R_set                   ? 
_refine.overall_FOM_work_R_set                   ? 
_refine.pdbx_refine_id                           'X-RAY DIFFRACTION' 
_refine.pdbx_TLS_residual_ADP_flag               'LIKELY RESIDUAL' 
_refine.pdbx_diffrn_id                           1 
_refine.pdbx_overall_phase_error                 ? 
_refine.pdbx_overall_SU_R_free_Cruickshank_DPI   ? 
_refine.pdbx_overall_SU_R_Blow_DPI               ? 
_refine.pdbx_overall_SU_R_free_Blow_DPI          ? 
# 
_refine_hist.pdbx_refine_id                   'X-RAY DIFFRACTION' 
_refine_hist.cycle_id                         LAST 
_refine_hist.pdbx_number_atoms_protein        450 
_refine_hist.pdbx_number_atoms_nucleic_acid   0 
_refine_hist.pdbx_number_atoms_ligand         0 
_refine_hist.number_atoms_solvent             60 
_refine_hist.number_atoms_total               510 
_refine_hist.d_res_high                       1.68 
_refine_hist.d_res_low                        20.00 
# 
loop_
_refine_ls_restr.type 
_refine_ls_restr.dev_ideal 
_refine_ls_restr.dev_ideal_target 
_refine_ls_restr.weight 
_refine_ls_restr.number 
_refine_ls_restr.pdbx_refine_id 
_refine_ls_restr.pdbx_restraint_function 
r_bond_refined_d             0.008  0.022  ? 484  'X-RAY DIFFRACTION' ? 
r_bond_other_d               0.002  0.020  ? 427  'X-RAY DIFFRACTION' ? 
r_angle_refined_deg          1.162  1.993  ? 658  'X-RAY DIFFRACTION' ? 
r_angle_other_deg            0.731  3.000  ? 1011 'X-RAY DIFFRACTION' ? 
r_dihedral_angle_1_deg       5.376  5.000  ? 61   'X-RAY DIFFRACTION' ? 
r_dihedral_angle_2_deg       20.227 24.118 ? 17   'X-RAY DIFFRACTION' ? 
r_dihedral_angle_3_deg       9.870  15.000 ? 79   'X-RAY DIFFRACTION' ? 
r_dihedral_angle_4_deg       27.177 15.000 ? 1    'X-RAY DIFFRACTION' ? 
r_chiral_restr               0.078  0.200  ? 65   'X-RAY DIFFRACTION' ? 
r_gen_planes_refined         0.004  0.020  ? 538  'X-RAY DIFFRACTION' ? 
r_gen_planes_other           0.001  0.020  ? 93   'X-RAY DIFFRACTION' ? 
r_nbd_refined                0.189  0.200  ? 64   'X-RAY DIFFRACTION' ? 
r_nbd_other                  0.241  0.200  ? 413  'X-RAY DIFFRACTION' ? 
r_nbtor_refined              ?      ?      ? ?    'X-RAY DIFFRACTION' ? 
r_nbtor_other                0.083  0.200  ? 219  'X-RAY DIFFRACTION' ? 
r_xyhbond_nbd_refined        0.170  0.200  ? 37   'X-RAY DIFFRACTION' ? 
r_xyhbond_nbd_other          ?      ?      ? ?    'X-RAY DIFFRACTION' ? 
r_metal_ion_refined          ?      ?      ? ?    'X-RAY DIFFRACTION' ? 
r_metal_ion_other            ?      ?      ? ?    'X-RAY DIFFRACTION' ? 
r_symmetry_vdw_refined       0.243  0.200  ? 5    'X-RAY DIFFRACTION' ? 
r_symmetry_vdw_other         0.209  0.200  ? 25   'X-RAY DIFFRACTION' ? 
r_symmetry_hbond_refined     0.132  0.200  ? 9    'X-RAY DIFFRACTION' ? 
r_symmetry_hbond_other       ?      ?      ? ?    'X-RAY DIFFRACTION' ? 
r_symmetry_metal_ion_refined ?      ?      ? ?    'X-RAY DIFFRACTION' ? 
r_symmetry_metal_ion_other   ?      ?      ? ?    'X-RAY DIFFRACTION' ? 
r_mcbond_it                  0.987  2.000  ? 388  'X-RAY DIFFRACTION' ? 
r_mcbond_other               0.176  2.000  ? 120  'X-RAY DIFFRACTION' ? 
r_mcangle_it                 1.163  3.000  ? 486  'X-RAY DIFFRACTION' ? 
r_scbond_it                  1.573  4.000  ? 229  'X-RAY DIFFRACTION' ? 
r_scangle_it                 2.022  5.000  ? 172  'X-RAY DIFFRACTION' ? 
r_rigid_bond_restr           ?      ?      ? ?    'X-RAY DIFFRACTION' ? 
r_sphericity_free            ?      ?      ? ?    'X-RAY DIFFRACTION' ? 
r_sphericity_bonded          ?      ?      ? ?    'X-RAY DIFFRACTION' ? 
# 
_refine_ls_shell.pdbx_total_number_of_bins_used   20 
_refine_ls_shell.d_res_high                       1.680 
_refine_ls_shell.d_res_low                        1.723 
_refine_ls_shell.number_reflns_R_work             503 
_refine_ls_shell.R_factor_R_work                  0.28 
_refine_ls_shell.percent_reflns_obs               ? 
_refine_ls_shell.R_factor_R_free                  0.359 
_refine_ls_shell.R_factor_R_free_error            ? 
_refine_ls_shell.percent_reflns_R_free            ? 
_refine_ls_shell.number_reflns_R_free             26 
_refine_ls_shell.number_reflns_obs                ? 
_refine_ls_shell.redundancy_reflns_obs            ? 
_refine_ls_shell.number_reflns_all                ? 
_refine_ls_shell.R_factor_all                     ? 
_refine_ls_shell.pdbx_refine_id                   'X-RAY DIFFRACTION' 
# 
_struct.entry_id                  1YP5 
_struct.title                     'Yeast Myo5 SH3 domain, tetragonal crystal form' 
_struct.pdbx_model_details        ? 
_struct.pdbx_CASP_flag            ? 
_struct.pdbx_model_type_details   ? 
# 
_struct_keywords.entry_id        1YP5 
_struct_keywords.pdbx_keywords   'CONTRACTILE PROTEIN' 
_struct_keywords.text            'SH3 domain, CONTRACTILE PROTEIN' 
# 
loop_
_struct_asym.id 
_struct_asym.pdbx_blank_PDB_chainid_flag 
_struct_asym.pdbx_modified 
_struct_asym.entity_id 
_struct_asym.details 
A N N 1 ? 
B N N 2 ? 
# 
_struct_ref.id                         1 
_struct_ref.db_name                    UNP 
_struct_ref.db_code                    MYS5_YEAST 
_struct_ref.pdbx_db_accession          Q04439 
_struct_ref.entity_id                  1 
_struct_ref.pdbx_seq_one_letter_code   PMFEAAYDFPGSGSPSELPLKKGDVIYITREEPSGWSLGKLLDGSKEGWVPTAYMKPH 
_struct_ref.pdbx_align_begin           1088 
_struct_ref.pdbx_db_isoform            ? 
# 
_struct_ref_seq.align_id                      1 
_struct_ref_seq.ref_id                        1 
_struct_ref_seq.pdbx_PDB_id_code              1YP5 
_struct_ref_seq.pdbx_strand_id                A 
_struct_ref_seq.seq_align_beg                 1 
_struct_ref_seq.pdbx_seq_align_beg_ins_code   ? 
_struct_ref_seq.seq_align_end                 58 
_struct_ref_seq.pdbx_seq_align_end_ins_code   ? 
_struct_ref_seq.pdbx_db_accession             Q04439 
_struct_ref_seq.db_align_beg                  1088 
_struct_ref_seq.pdbx_db_align_beg_ins_code    ? 
_struct_ref_seq.db_align_end                  1145 
_struct_ref_seq.pdbx_db_align_end_ins_code    ? 
_struct_ref_seq.pdbx_auth_seq_align_beg       1 
_struct_ref_seq.pdbx_auth_seq_align_end       58 
# 
_pdbx_struct_assembly.id                   1 
_pdbx_struct_assembly.details              author_defined_assembly 
_pdbx_struct_assembly.method_details       ? 
_pdbx_struct_assembly.oligomeric_details   monomeric 
_pdbx_struct_assembly.oligomeric_count     1 
# 
_pdbx_struct_assembly_gen.assembly_id       1 
_pdbx_struct_assembly_gen.oper_expression   1 
_pdbx_struct_assembly_gen.asym_id_list      A,B 
# 
_pdbx_struct_oper_list.id                   1 
_pdbx_struct_oper_list.type                 'identity operation' 
_pdbx_struct_oper_list.name                 1_555 
_pdbx_struct_oper_list.symmetry_operation   x,y,z 
_pdbx_struct_oper_list.matrix[1][1]         1.0000000000 
_pdbx_struct_oper_list.matrix[1][2]         0.0000000000 
_pdbx_struct_oper_list.matrix[1][3]         0.0000000000 
_pdbx_struct_oper_list.vector[1]            0.0000000000 
_pdbx_struct_oper_list.matrix[2][1]         0.0000000000 
_pdbx_struct_oper_list.matrix[2][2]         1.0000000000 
_pdbx_struct_oper_list.matrix[2][3]         0.0000000000 
_pdbx_struct_oper_list.vector[2]            0.0000000000 
_pdbx_struct_oper_list.matrix[3][1]         0.0000000000 
_pdbx_struct_oper_list.matrix[3][2]         0.0000000000 
_pdbx_struct_oper_list.matrix[3][3]         1.0000000000 
_pdbx_struct_oper_list.vector[3]            0.0000000000 
# 
_struct_sheet.id               A 
_struct_sheet.type             ? 
_struct_sheet.number_strands   5 
_struct_sheet.details          ? 
# 
loop_
_struct_sheet_order.sheet_id 
_struct_sheet_order.range_id_1 
_struct_sheet_order.range_id_2 
_struct_sheet_order.offset 
_struct_sheet_order.sense 
A 1 2 ? anti-parallel 
A 2 3 ? anti-parallel 
A 3 4 ? anti-parallel 
A 4 5 ? anti-parallel 
# 
loop_
_struct_sheet_range.sheet_id 
_struct_sheet_range.id 
_struct_sheet_range.beg_label_comp_id 
_struct_sheet_range.beg_label_asym_id 
_struct_sheet_range.beg_label_seq_id 
_struct_sheet_range.pdbx_beg_PDB_ins_code 
_struct_sheet_range.end_label_comp_id 
_struct_sheet_range.end_label_asym_id 
_struct_sheet_range.end_label_seq_id 
_struct_sheet_range.pdbx_end_PDB_ins_code 
_struct_sheet_range.beg_auth_comp_id 
_struct_sheet_range.beg_auth_asym_id 
_struct_sheet_range.beg_auth_seq_id 
_struct_sheet_range.end_auth_comp_id 
_struct_sheet_range.end_auth_asym_id 
_struct_sheet_range.end_auth_seq_id 
A 1 GLU A 47 ? PRO A 51 ? GLU A 47 PRO A 51 
A 2 TRP A 36 ? LEU A 41 ? TRP A 36 LEU A 41 
A 3 VAL A 25 ? GLU A 31 ? VAL A 25 GLU A 31 
A 4 MET A 2  ? ALA A 5  ? MET A 2  ALA A 5  
A 5 MET A 55 ? PRO A 57 ? MET A 55 PRO A 57 
# 
loop_
_pdbx_struct_sheet_hbond.sheet_id 
_pdbx_struct_sheet_hbond.range_id_1 
_pdbx_struct_sheet_hbond.range_id_2 
_pdbx_struct_sheet_hbond.range_1_label_atom_id 
_pdbx_struct_sheet_hbond.range_1_label_comp_id 
_pdbx_struct_sheet_hbond.range_1_label_asym_id 
_pdbx_struct_sheet_hbond.range_1_label_seq_id 
_pdbx_struct_sheet_hbond.range_1_PDB_ins_code 
_pdbx_struct_sheet_hbond.range_1_auth_atom_id 
_pdbx_struct_sheet_hbond.range_1_auth_comp_id 
_pdbx_struct_sheet_hbond.range_1_auth_asym_id 
_pdbx_struct_sheet_hbond.range_1_auth_seq_id 
_pdbx_struct_sheet_hbond.range_2_label_atom_id 
_pdbx_struct_sheet_hbond.range_2_label_comp_id 
_pdbx_struct_sheet_hbond.range_2_label_asym_id 
_pdbx_struct_sheet_hbond.range_2_label_seq_id 
_pdbx_struct_sheet_hbond.range_2_PDB_ins_code 
_pdbx_struct_sheet_hbond.range_2_auth_atom_id 
_pdbx_struct_sheet_hbond.range_2_auth_comp_id 
_pdbx_struct_sheet_hbond.range_2_auth_asym_id 
_pdbx_struct_sheet_hbond.range_2_auth_seq_id 
A 1 2 O VAL A 50 ? O VAL A 50 N SER A 37 ? N SER A 37 
A 2 3 O LYS A 40 ? O LYS A 40 N TYR A 27 ? N TYR A 27 
A 3 4 O ILE A 26 ? O ILE A 26 N PHE A 3  ? N PHE A 3  
A 4 5 N GLU A 4  ? N GLU A 4  O LYS A 56 ? O LYS A 56 
# 
_pdbx_validate_close_contact.id               1 
_pdbx_validate_close_contact.PDB_model_num    1 
_pdbx_validate_close_contact.auth_atom_id_1   O 
_pdbx_validate_close_contact.auth_asym_id_1   A 
_pdbx_validate_close_contact.auth_comp_id_1   HOH 
_pdbx_validate_close_contact.auth_seq_id_1    75 
_pdbx_validate_close_contact.PDB_ins_code_1   ? 
_pdbx_validate_close_contact.label_alt_id_1   ? 
_pdbx_validate_close_contact.auth_atom_id_2   O 
_pdbx_validate_close_contact.auth_asym_id_2   A 
_pdbx_validate_close_contact.auth_comp_id_2   HOH 
_pdbx_validate_close_contact.auth_seq_id_2    113 
_pdbx_validate_close_contact.PDB_ins_code_2   ? 
_pdbx_validate_close_contact.label_alt_id_2   ? 
_pdbx_validate_close_contact.dist             2.19 
# 
_pdbx_refine_tls.id               1 
_pdbx_refine_tls.details          ? 
_pdbx_refine_tls.method           refined 
_pdbx_refine_tls.origin_x         -0.1391 
_pdbx_refine_tls.origin_y         -0.1576 
_pdbx_refine_tls.origin_z         -0.1533 
_pdbx_refine_tls.T[1][1]          -0.1153 
_pdbx_refine_tls.T[2][2]          -0.0749 
_pdbx_refine_tls.T[3][3]          -0.0763 
_pdbx_refine_tls.T[1][2]          -0.0180 
_pdbx_refine_tls.T[1][3]          -0.0162 
_pdbx_refine_tls.T[2][3]          0.0189 
_pdbx_refine_tls.L[1][1]          2.7421 
_pdbx_refine_tls.L[2][2]          3.6295 
_pdbx_refine_tls.L[3][3]          2.4863 
_pdbx_refine_tls.L[1][2]          -1.4616 
_pdbx_refine_tls.L[1][3]          -1.2200 
_pdbx_refine_tls.L[2][3]          0.7116 
_pdbx_refine_tls.S[1][1]          -0.1536 
_pdbx_refine_tls.S[1][2]          -0.2255 
_pdbx_refine_tls.S[1][3]          -0.0674 
_pdbx_refine_tls.S[2][1]          0.2795 
_pdbx_refine_tls.S[2][2]          0.0738 
_pdbx_refine_tls.S[2][3]          -0.0594 
_pdbx_refine_tls.S[3][1]          0.0054 
_pdbx_refine_tls.S[3][2]          -0.0110 
_pdbx_refine_tls.S[3][3]          0.0798 
_pdbx_refine_tls.pdbx_refine_id   'X-RAY DIFFRACTION' 
# 
_pdbx_refine_tls_group.id                  1 
_pdbx_refine_tls_group.refine_tls_id       1 
_pdbx_refine_tls_group.beg_label_asym_id   A 
_pdbx_refine_tls_group.beg_label_seq_id    1 
_pdbx_refine_tls_group.beg_auth_seq_id     1 
_pdbx_refine_tls_group.end_label_asym_id   A 
_pdbx_refine_tls_group.end_label_seq_id    58 
_pdbx_refine_tls_group.end_auth_seq_id     58 
_pdbx_refine_tls_group.selection           ? 
_pdbx_refine_tls_group.beg_auth_asym_id    A 
_pdbx_refine_tls_group.end_auth_asym_id    A 
_pdbx_refine_tls_group.pdbx_refine_id      'X-RAY DIFFRACTION' 
_pdbx_refine_tls_group.selection_details   ? 
# 
loop_
_chem_comp_atom.comp_id 
_chem_comp_atom.atom_id 
_chem_comp_atom.type_symbol 
_chem_comp_atom.pdbx_aromatic_flag 
_chem_comp_atom.pdbx_stereo_config 
_chem_comp_atom.pdbx_ordinal 
ALA N    N N N 1   
ALA CA   C N S 2   
ALA C    C N N 3   
ALA O    O N N 4   
ALA CB   C N N 5   
ALA OXT  O N N 6   
ALA H    H N N 7   
ALA H2   H N N 8   
ALA HA   H N N 9   
ALA HB1  H N N 10  
ALA HB2  H N N 11  
ALA HB3  H N N 12  
ALA HXT  H N N 13  
ARG N    N N N 14  
ARG CA   C N S 15  
ARG C    C N N 16  
ARG O    O N N 17  
ARG CB   C N N 18  
ARG CG   C N N 19  
ARG CD   C N N 20  
ARG NE   N N N 21  
ARG CZ   C N N 22  
ARG NH1  N N N 23  
ARG NH2  N N N 24  
ARG OXT  O N N 25  
ARG H    H N N 26  
ARG H2   H N N 27  
ARG HA   H N N 28  
ARG HB2  H N N 29  
ARG HB3  H N N 30  
ARG HG2  H N N 31  
ARG HG3  H N N 32  
ARG HD2  H N N 33  
ARG HD3  H N N 34  
ARG HE   H N N 35  
ARG HH11 H N N 36  
ARG HH12 H N N 37  
ARG HH21 H N N 38  
ARG HH22 H N N 39  
ARG HXT  H N N 40  
ASP N    N N N 41  
ASP CA   C N S 42  
ASP C    C N N 43  
ASP O    O N N 44  
ASP CB   C N N 45  
ASP CG   C N N 46  
ASP OD1  O N N 47  
ASP OD2  O N N 48  
ASP OXT  O N N 49  
ASP H    H N N 50  
ASP H2   H N N 51  
ASP HA   H N N 52  
ASP HB2  H N N 53  
ASP HB3  H N N 54  
ASP HD2  H N N 55  
ASP HXT  H N N 56  
GLU N    N N N 57  
GLU CA   C N S 58  
GLU C    C N N 59  
GLU O    O N N 60  
GLU CB   C N N 61  
GLU CG   C N N 62  
GLU CD   C N N 63  
GLU OE1  O N N 64  
GLU OE2  O N N 65  
GLU OXT  O N N 66  
GLU H    H N N 67  
GLU H2   H N N 68  
GLU HA   H N N 69  
GLU HB2  H N N 70  
GLU HB3  H N N 71  
GLU HG2  H N N 72  
GLU HG3  H N N 73  
GLU HE2  H N N 74  
GLU HXT  H N N 75  
GLY N    N N N 76  
GLY CA   C N N 77  
GLY C    C N N 78  
GLY O    O N N 79  
GLY OXT  O N N 80  
GLY H    H N N 81  
GLY H2   H N N 82  
GLY HA2  H N N 83  
GLY HA3  H N N 84  
GLY HXT  H N N 85  
HIS N    N N N 86  
HIS CA   C N S 87  
HIS C    C N N 88  
HIS O    O N N 89  
HIS CB   C N N 90  
HIS CG   C Y N 91  
HIS ND1  N Y N 92  
HIS CD2  C Y N 93  
HIS CE1  C Y N 94  
HIS NE2  N Y N 95  
HIS OXT  O N N 96  
HIS H    H N N 97  
HIS H2   H N N 98  
HIS HA   H N N 99  
HIS HB2  H N N 100 
HIS HB3  H N N 101 
HIS HD1  H N N 102 
HIS HD2  H N N 103 
HIS HE1  H N N 104 
HIS HE2  H N N 105 
HIS HXT  H N N 106 
HOH O    O N N 107 
HOH H1   H N N 108 
HOH H2   H N N 109 
ILE N    N N N 110 
ILE CA   C N S 111 
ILE C    C N N 112 
ILE O    O N N 113 
ILE CB   C N S 114 
ILE CG1  C N N 115 
ILE CG2  C N N 116 
ILE CD1  C N N 117 
ILE OXT  O N N 118 
ILE H    H N N 119 
ILE H2   H N N 120 
ILE HA   H N N 121 
ILE HB   H N N 122 
ILE HG12 H N N 123 
ILE HG13 H N N 124 
ILE HG21 H N N 125 
ILE HG22 H N N 126 
ILE HG23 H N N 127 
ILE HD11 H N N 128 
ILE HD12 H N N 129 
ILE HD13 H N N 130 
ILE HXT  H N N 131 
LEU N    N N N 132 
LEU CA   C N S 133 
LEU C    C N N 134 
LEU O    O N N 135 
LEU CB   C N N 136 
LEU CG   C N N 137 
LEU CD1  C N N 138 
LEU CD2  C N N 139 
LEU OXT  O N N 140 
LEU H    H N N 141 
LEU H2   H N N 142 
LEU HA   H N N 143 
LEU HB2  H N N 144 
LEU HB3  H N N 145 
LEU HG   H N N 146 
LEU HD11 H N N 147 
LEU HD12 H N N 148 
LEU HD13 H N N 149 
LEU HD21 H N N 150 
LEU HD22 H N N 151 
LEU HD23 H N N 152 
LEU HXT  H N N 153 
LYS N    N N N 154 
LYS CA   C N S 155 
LYS C    C N N 156 
LYS O    O N N 157 
LYS CB   C N N 158 
LYS CG   C N N 159 
LYS CD   C N N 160 
LYS CE   C N N 161 
LYS NZ   N N N 162 
LYS OXT  O N N 163 
LYS H    H N N 164 
LYS H2   H N N 165 
LYS HA   H N N 166 
LYS HB2  H N N 167 
LYS HB3  H N N 168 
LYS HG2  H N N 169 
LYS HG3  H N N 170 
LYS HD2  H N N 171 
LYS HD3  H N N 172 
LYS HE2  H N N 173 
LYS HE3  H N N 174 
LYS HZ1  H N N 175 
LYS HZ2  H N N 176 
LYS HZ3  H N N 177 
LYS HXT  H N N 178 
MET N    N N N 179 
MET CA   C N S 180 
MET C    C N N 181 
MET O    O N N 182 
MET CB   C N N 183 
MET CG   C N N 184 
MET SD   S N N 185 
MET CE   C N N 186 
MET OXT  O N N 187 
MET H    H N N 188 
MET H2   H N N 189 
MET HA   H N N 190 
MET HB2  H N N 191 
MET HB3  H N N 192 
MET HG2  H N N 193 
MET HG3  H N N 194 
MET HE1  H N N 195 
MET HE2  H N N 196 
MET HE3  H N N 197 
MET HXT  H N N 198 
PHE N    N N N 199 
PHE CA   C N S 200 
PHE C    C N N 201 
PHE O    O N N 202 
PHE CB   C N N 203 
PHE CG   C Y N 204 
PHE CD1  C Y N 205 
PHE CD2  C Y N 206 
PHE CE1  C Y N 207 
PHE CE2  C Y N 208 
PHE CZ   C Y N 209 
PHE OXT  O N N 210 
PHE H    H N N 211 
PHE H2   H N N 212 
PHE HA   H N N 213 
PHE HB2  H N N 214 
PHE HB3  H N N 215 
PHE HD1  H N N 216 
PHE HD2  H N N 217 
PHE HE1  H N N 218 
PHE HE2  H N N 219 
PHE HZ   H N N 220 
PHE HXT  H N N 221 
PRO N    N N N 222 
PRO CA   C N S 223 
PRO C    C N N 224 
PRO O    O N N 225 
PRO CB   C N N 226 
PRO CG   C N N 227 
PRO CD   C N N 228 
PRO OXT  O N N 229 
PRO H    H N N 230 
PRO HA   H N N 231 
PRO HB2  H N N 232 
PRO HB3  H N N 233 
PRO HG2  H N N 234 
PRO HG3  H N N 235 
PRO HD2  H N N 236 
PRO HD3  H N N 237 
PRO HXT  H N N 238 
SER N    N N N 239 
SER CA   C N S 240 
SER C    C N N 241 
SER O    O N N 242 
SER CB   C N N 243 
SER OG   O N N 244 
SER OXT  O N N 245 
SER H    H N N 246 
SER H2   H N N 247 
SER HA   H N N 248 
SER HB2  H N N 249 
SER HB3  H N N 250 
SER HG   H N N 251 
SER HXT  H N N 252 
THR N    N N N 253 
THR CA   C N S 254 
THR C    C N N 255 
THR O    O N N 256 
THR CB   C N R 257 
THR OG1  O N N 258 
THR CG2  C N N 259 
THR OXT  O N N 260 
THR H    H N N 261 
THR H2   H N N 262 
THR HA   H N N 263 
THR HB   H N N 264 
THR HG1  H N N 265 
THR HG21 H N N 266 
THR HG22 H N N 267 
THR HG23 H N N 268 
THR HXT  H N N 269 
TRP N    N N N 270 
TRP CA   C N S 271 
TRP C    C N N 272 
TRP O    O N N 273 
TRP CB   C N N 274 
TRP CG   C Y N 275 
TRP CD1  C Y N 276 
TRP CD2  C Y N 277 
TRP NE1  N Y N 278 
TRP CE2  C Y N 279 
TRP CE3  C Y N 280 
TRP CZ2  C Y N 281 
TRP CZ3  C Y N 282 
TRP CH2  C Y N 283 
TRP OXT  O N N 284 
TRP H    H N N 285 
TRP H2   H N N 286 
TRP HA   H N N 287 
TRP HB2  H N N 288 
TRP HB3  H N N 289 
TRP HD1  H N N 290 
TRP HE1  H N N 291 
TRP HE3  H N N 292 
TRP HZ2  H N N 293 
TRP HZ3  H N N 294 
TRP HH2  H N N 295 
TRP HXT  H N N 296 
TYR N    N N N 297 
TYR CA   C N S 298 
TYR C    C N N 299 
TYR O    O N N 300 
TYR CB   C N N 301 
TYR CG   C Y N 302 
TYR CD1  C Y N 303 
TYR CD2  C Y N 304 
TYR CE1  C Y N 305 
TYR CE2  C Y N 306 
TYR CZ   C Y N 307 
TYR OH   O N N 308 
TYR OXT  O N N 309 
TYR H    H N N 310 
TYR H2   H N N 311 
TYR HA   H N N 312 
TYR HB2  H N N 313 
TYR HB3  H N N 314 
TYR HD1  H N N 315 
TYR HD2  H N N 316 
TYR HE1  H N N 317 
TYR HE2  H N N 318 
TYR HH   H N N 319 
TYR HXT  H N N 320 
VAL N    N N N 321 
VAL CA   C N S 322 
VAL C    C N N 323 
VAL O    O N N 324 
VAL CB   C N N 325 
VAL CG1  C N N 326 
VAL CG2  C N N 327 
VAL OXT  O N N 328 
VAL H    H N N 329 
VAL H2   H N N 330 
VAL HA   H N N 331 
VAL HB   H N N 332 
VAL HG11 H N N 333 
VAL HG12 H N N 334 
VAL HG13 H N N 335 
VAL HG21 H N N 336 
VAL HG22 H N N 337 
VAL HG23 H N N 338 
VAL HXT  H N N 339 
# 
loop_
_chem_comp_bond.comp_id 
_chem_comp_bond.atom_id_1 
_chem_comp_bond.atom_id_2 
_chem_comp_bond.value_order 
_chem_comp_bond.pdbx_aromatic_flag 
_chem_comp_bond.pdbx_stereo_config 
_chem_comp_bond.pdbx_ordinal 
ALA N   CA   sing N N 1   
ALA N   H    sing N N 2   
ALA N   H2   sing N N 3   
ALA CA  C    sing N N 4   
ALA CA  CB   sing N N 5   
ALA CA  HA   sing N N 6   
ALA C   O    doub N N 7   
ALA C   OXT  sing N N 8   
ALA CB  HB1  sing N N 9   
ALA CB  HB2  sing N N 10  
ALA CB  HB3  sing N N 11  
ALA OXT HXT  sing N N 12  
ARG N   CA   sing N N 13  
ARG N   H    sing N N 14  
ARG N   H2   sing N N 15  
ARG CA  C    sing N N 16  
ARG CA  CB   sing N N 17  
ARG CA  HA   sing N N 18  
ARG C   O    doub N N 19  
ARG C   OXT  sing N N 20  
ARG CB  CG   sing N N 21  
ARG CB  HB2  sing N N 22  
ARG CB  HB3  sing N N 23  
ARG CG  CD   sing N N 24  
ARG CG  HG2  sing N N 25  
ARG CG  HG3  sing N N 26  
ARG CD  NE   sing N N 27  
ARG CD  HD2  sing N N 28  
ARG CD  HD3  sing N N 29  
ARG NE  CZ   sing N N 30  
ARG NE  HE   sing N N 31  
ARG CZ  NH1  sing N N 32  
ARG CZ  NH2  doub N N 33  
ARG NH1 HH11 sing N N 34  
ARG NH1 HH12 sing N N 35  
ARG NH2 HH21 sing N N 36  
ARG NH2 HH22 sing N N 37  
ARG OXT HXT  sing N N 38  
ASP N   CA   sing N N 39  
ASP N   H    sing N N 40  
ASP N   H2   sing N N 41  
ASP CA  C    sing N N 42  
ASP CA  CB   sing N N 43  
ASP CA  HA   sing N N 44  
ASP C   O    doub N N 45  
ASP C   OXT  sing N N 46  
ASP CB  CG   sing N N 47  
ASP CB  HB2  sing N N 48  
ASP CB  HB3  sing N N 49  
ASP CG  OD1  doub N N 50  
ASP CG  OD2  sing N N 51  
ASP OD2 HD2  sing N N 52  
ASP OXT HXT  sing N N 53  
GLU N   CA   sing N N 54  
GLU N   H    sing N N 55  
GLU N   H2   sing N N 56  
GLU CA  C    sing N N 57  
GLU CA  CB   sing N N 58  
GLU CA  HA   sing N N 59  
GLU C   O    doub N N 60  
GLU C   OXT  sing N N 61  
GLU CB  CG   sing N N 62  
GLU CB  HB2  sing N N 63  
GLU CB  HB3  sing N N 64  
GLU CG  CD   sing N N 65  
GLU CG  HG2  sing N N 66  
GLU CG  HG3  sing N N 67  
GLU CD  OE1  doub N N 68  
GLU CD  OE2  sing N N 69  
GLU OE2 HE2  sing N N 70  
GLU OXT HXT  sing N N 71  
GLY N   CA   sing N N 72  
GLY N   H    sing N N 73  
GLY N   H2   sing N N 74  
GLY CA  C    sing N N 75  
GLY CA  HA2  sing N N 76  
GLY CA  HA3  sing N N 77  
GLY C   O    doub N N 78  
GLY C   OXT  sing N N 79  
GLY OXT HXT  sing N N 80  
HIS N   CA   sing N N 81  
HIS N   H    sing N N 82  
HIS N   H2   sing N N 83  
HIS CA  C    sing N N 84  
HIS CA  CB   sing N N 85  
HIS CA  HA   sing N N 86  
HIS C   O    doub N N 87  
HIS C   OXT  sing N N 88  
HIS CB  CG   sing N N 89  
HIS CB  HB2  sing N N 90  
HIS CB  HB3  sing N N 91  
HIS CG  ND1  sing Y N 92  
HIS CG  CD2  doub Y N 93  
HIS ND1 CE1  doub Y N 94  
HIS ND1 HD1  sing N N 95  
HIS CD2 NE2  sing Y N 96  
HIS CD2 HD2  sing N N 97  
HIS CE1 NE2  sing Y N 98  
HIS CE1 HE1  sing N N 99  
HIS NE2 HE2  sing N N 100 
HIS OXT HXT  sing N N 101 
HOH O   H1   sing N N 102 
HOH O   H2   sing N N 103 
ILE N   CA   sing N N 104 
ILE N   H    sing N N 105 
ILE N   H2   sing N N 106 
ILE CA  C    sing N N 107 
ILE CA  CB   sing N N 108 
ILE CA  HA   sing N N 109 
ILE C   O    doub N N 110 
ILE C   OXT  sing N N 111 
ILE CB  CG1  sing N N 112 
ILE CB  CG2  sing N N 113 
ILE CB  HB   sing N N 114 
ILE CG1 CD1  sing N N 115 
ILE CG1 HG12 sing N N 116 
ILE CG1 HG13 sing N N 117 
ILE CG2 HG21 sing N N 118 
ILE CG2 HG22 sing N N 119 
ILE CG2 HG23 sing N N 120 
ILE CD1 HD11 sing N N 121 
ILE CD1 HD12 sing N N 122 
ILE CD1 HD13 sing N N 123 
ILE OXT HXT  sing N N 124 
LEU N   CA   sing N N 125 
LEU N   H    sing N N 126 
LEU N   H2   sing N N 127 
LEU CA  C    sing N N 128 
LEU CA  CB   sing N N 129 
LEU CA  HA   sing N N 130 
LEU C   O    doub N N 131 
LEU C   OXT  sing N N 132 
LEU CB  CG   sing N N 133 
LEU CB  HB2  sing N N 134 
LEU CB  HB3  sing N N 135 
LEU CG  CD1  sing N N 136 
LEU CG  CD2  sing N N 137 
LEU CG  HG   sing N N 138 
LEU CD1 HD11 sing N N 139 
LEU CD1 HD12 sing N N 140 
LEU CD1 HD13 sing N N 141 
LEU CD2 HD21 sing N N 142 
LEU CD2 HD22 sing N N 143 
LEU CD2 HD23 sing N N 144 
LEU OXT HXT  sing N N 145 
LYS N   CA   sing N N 146 
LYS N   H    sing N N 147 
LYS N   H2   sing N N 148 
LYS CA  C    sing N N 149 
LYS CA  CB   sing N N 150 
LYS CA  HA   sing N N 151 
LYS C   O    doub N N 152 
LYS C   OXT  sing N N 153 
LYS CB  CG   sing N N 154 
LYS CB  HB2  sing N N 155 
LYS CB  HB3  sing N N 156 
LYS CG  CD   sing N N 157 
LYS CG  HG2  sing N N 158 
LYS CG  HG3  sing N N 159 
LYS CD  CE   sing N N 160 
LYS CD  HD2  sing N N 161 
LYS CD  HD3  sing N N 162 
LYS CE  NZ   sing N N 163 
LYS CE  HE2  sing N N 164 
LYS CE  HE3  sing N N 165 
LYS NZ  HZ1  sing N N 166 
LYS NZ  HZ2  sing N N 167 
LYS NZ  HZ3  sing N N 168 
LYS OXT HXT  sing N N 169 
MET N   CA   sing N N 170 
MET N   H    sing N N 171 
MET N   H2   sing N N 172 
MET CA  C    sing N N 173 
MET CA  CB   sing N N 174 
MET CA  HA   sing N N 175 
MET C   O    doub N N 176 
MET C   OXT  sing N N 177 
MET CB  CG   sing N N 178 
MET CB  HB2  sing N N 179 
MET CB  HB3  sing N N 180 
MET CG  SD   sing N N 181 
MET CG  HG2  sing N N 182 
MET CG  HG3  sing N N 183 
MET SD  CE   sing N N 184 
MET CE  HE1  sing N N 185 
MET CE  HE2  sing N N 186 
MET CE  HE3  sing N N 187 
MET OXT HXT  sing N N 188 
PHE N   CA   sing N N 189 
PHE N   H    sing N N 190 
PHE N   H2   sing N N 191 
PHE CA  C    sing N N 192 
PHE CA  CB   sing N N 193 
PHE CA  HA   sing N N 194 
PHE C   O    doub N N 195 
PHE C   OXT  sing N N 196 
PHE CB  CG   sing N N 197 
PHE CB  HB2  sing N N 198 
PHE CB  HB3  sing N N 199 
PHE CG  CD1  doub Y N 200 
PHE CG  CD2  sing Y N 201 
PHE CD1 CE1  sing Y N 202 
PHE CD1 HD1  sing N N 203 
PHE CD2 CE2  doub Y N 204 
PHE CD2 HD2  sing N N 205 
PHE CE1 CZ   doub Y N 206 
PHE CE1 HE1  sing N N 207 
PHE CE2 CZ   sing Y N 208 
PHE CE2 HE2  sing N N 209 
PHE CZ  HZ   sing N N 210 
PHE OXT HXT  sing N N 211 
PRO N   CA   sing N N 212 
PRO N   CD   sing N N 213 
PRO N   H    sing N N 214 
PRO CA  C    sing N N 215 
PRO CA  CB   sing N N 216 
PRO CA  HA   sing N N 217 
PRO C   O    doub N N 218 
PRO C   OXT  sing N N 219 
PRO CB  CG   sing N N 220 
PRO CB  HB2  sing N N 221 
PRO CB  HB3  sing N N 222 
PRO CG  CD   sing N N 223 
PRO CG  HG2  sing N N 224 
PRO CG  HG3  sing N N 225 
PRO CD  HD2  sing N N 226 
PRO CD  HD3  sing N N 227 
PRO OXT HXT  sing N N 228 
SER N   CA   sing N N 229 
SER N   H    sing N N 230 
SER N   H2   sing N N 231 
SER CA  C    sing N N 232 
SER CA  CB   sing N N 233 
SER CA  HA   sing N N 234 
SER C   O    doub N N 235 
SER C   OXT  sing N N 236 
SER CB  OG   sing N N 237 
SER CB  HB2  sing N N 238 
SER CB  HB3  sing N N 239 
SER OG  HG   sing N N 240 
SER OXT HXT  sing N N 241 
THR N   CA   sing N N 242 
THR N   H    sing N N 243 
THR N   H2   sing N N 244 
THR CA  C    sing N N 245 
THR CA  CB   sing N N 246 
THR CA  HA   sing N N 247 
THR C   O    doub N N 248 
THR C   OXT  sing N N 249 
THR CB  OG1  sing N N 250 
THR CB  CG2  sing N N 251 
THR CB  HB   sing N N 252 
THR OG1 HG1  sing N N 253 
THR CG2 HG21 sing N N 254 
THR CG2 HG22 sing N N 255 
THR CG2 HG23 sing N N 256 
THR OXT HXT  sing N N 257 
TRP N   CA   sing N N 258 
TRP N   H    sing N N 259 
TRP N   H2   sing N N 260 
TRP CA  C    sing N N 261 
TRP CA  CB   sing N N 262 
TRP CA  HA   sing N N 263 
TRP C   O    doub N N 264 
TRP C   OXT  sing N N 265 
TRP CB  CG   sing N N 266 
TRP CB  HB2  sing N N 267 
TRP CB  HB3  sing N N 268 
TRP CG  CD1  doub Y N 269 
TRP CG  CD2  sing Y N 270 
TRP CD1 NE1  sing Y N 271 
TRP CD1 HD1  sing N N 272 
TRP CD2 CE2  doub Y N 273 
TRP CD2 CE3  sing Y N 274 
TRP NE1 CE2  sing Y N 275 
TRP NE1 HE1  sing N N 276 
TRP CE2 CZ2  sing Y N 277 
TRP CE3 CZ3  doub Y N 278 
TRP CE3 HE3  sing N N 279 
TRP CZ2 CH2  doub Y N 280 
TRP CZ2 HZ2  sing N N 281 
TRP CZ3 CH2  sing Y N 282 
TRP CZ3 HZ3  sing N N 283 
TRP CH2 HH2  sing N N 284 
TRP OXT HXT  sing N N 285 
TYR N   CA   sing N N 286 
TYR N   H    sing N N 287 
TYR N   H2   sing N N 288 
TYR CA  C    sing N N 289 
TYR CA  CB   sing N N 290 
TYR CA  HA   sing N N 291 
TYR C   O    doub N N 292 
TYR C   OXT  sing N N 293 
TYR CB  CG   sing N N 294 
TYR CB  HB2  sing N N 295 
TYR CB  HB3  sing N N 296 
TYR CG  CD1  doub Y N 297 
TYR CG  CD2  sing Y N 298 
TYR CD1 CE1  sing Y N 299 
TYR CD1 HD1  sing N N 300 
TYR CD2 CE2  doub Y N 301 
TYR CD2 HD2  sing N N 302 
TYR CE1 CZ   doub Y N 303 
TYR CE1 HE1  sing N N 304 
TYR CE2 CZ   sing Y N 305 
TYR CE2 HE2  sing N N 306 
TYR CZ  OH   sing N N 307 
TYR OH  HH   sing N N 308 
TYR OXT HXT  sing N N 309 
VAL N   CA   sing N N 310 
VAL N   H    sing N N 311 
VAL N   H2   sing N N 312 
VAL CA  C    sing N N 313 
VAL CA  CB   sing N N 314 
VAL CA  HA   sing N N 315 
VAL C   O    doub N N 316 
VAL C   OXT  sing N N 317 
VAL CB  CG1  sing N N 318 
VAL CB  CG2  sing N N 319 
VAL CB  HB   sing N N 320 
VAL CG1 HG11 sing N N 321 
VAL CG1 HG12 sing N N 322 
VAL CG1 HG13 sing N N 323 
VAL CG2 HG21 sing N N 324 
VAL CG2 HG22 sing N N 325 
VAL CG2 HG23 sing N N 326 
VAL OXT HXT  sing N N 327 
# 
_atom_sites.entry_id                    1YP5 
_atom_sites.fract_transf_matrix[1][1]   -0.01273744 
_atom_sites.fract_transf_matrix[1][2]   0.00753227 
_atom_sites.fract_transf_matrix[1][3]   -0.02480657 
_atom_sites.fract_transf_matrix[2][1]   -0.02267963 
_atom_sites.fract_transf_matrix[2][2]   -0.01662714 
_atom_sites.fract_transf_matrix[2][3]   0.00659665 
_atom_sites.fract_transf_matrix[3][1]   -0.00437063 
_atom_sites.fract_transf_matrix[3][2]   0.00779045 
_atom_sites.fract_transf_matrix[3][3]   0.00460968 
_atom_sites.fract_transf_vector[1]      0.058843 
_atom_sites.fract_transf_vector[2]      0.249685 
_atom_sites.fract_transf_vector[3]      0.094468 
# 
loop_
_atom_type.symbol 
C 
N 
O 
S 
# 
loop_
_atom_site.group_PDB 
_atom_site.id 
_atom_site.type_symbol 
_atom_site.label_atom_id 
_atom_site.label_alt_id 
_atom_site.label_comp_id 
_atom_site.label_asym_id 
_atom_site.label_entity_id 
_atom_site.label_seq_id 
_atom_site.pdbx_PDB_ins_code 
_atom_site.Cartn_x 
_atom_site.Cartn_y 
_atom_site.Cartn_z 
_atom_site.occupancy 
_atom_site.B_iso_or_equiv 
_atom_site.pdbx_formal_charge 
_atom_site.auth_seq_id 
_atom_site.auth_comp_id 
_atom_site.auth_asym_id 
_atom_site.auth_atom_id 
_atom_site.pdbx_PDB_model_num 
ATOM   1   N N   . PRO A 1 1  ? -8.870  -7.648  0.013   1.00 24.44 ? 1   PRO A N   1 
ATOM   2   C CA  . PRO A 1 1  ? -8.711  -7.728  -1.446  1.00 23.59 ? 1   PRO A CA  1 
ATOM   3   C C   . PRO A 1 1  ? -7.373  -7.197  -1.958  1.00 23.59 ? 1   PRO A C   1 
ATOM   4   O O   . PRO A 1 1  ? -6.583  -6.601  -1.215  1.00 23.70 ? 1   PRO A O   1 
ATOM   5   C CB  . PRO A 1 1  ? -9.850  -6.840  -1.981  1.00 24.61 ? 1   PRO A CB  1 
ATOM   6   C CG  . PRO A 1 1  ? -10.755 -6.578  -0.803  1.00 24.46 ? 1   PRO A CG  1 
ATOM   7   C CD  . PRO A 1 1  ? -9.863  -6.631  0.398   1.00 24.11 ? 1   PRO A CD  1 
ATOM   8   N N   A MET A 1 2  ? -7.130  -7.395  -3.246  0.50 23.15 ? 2   MET A N   1 
ATOM   9   N N   B MET A 1 2  ? -7.143  -7.416  -3.251  0.50 23.12 ? 2   MET A N   1 
ATOM   10  C CA  A MET A 1 2  ? -5.891  -6.933  -3.855  0.50 22.86 ? 2   MET A CA  1 
ATOM   11  C CA  B MET A 1 2  ? -5.933  -6.954  -3.931  0.50 22.91 ? 2   MET A CA  1 
ATOM   12  C C   A MET A 1 2  ? -6.105  -5.622  -4.600  0.50 23.16 ? 2   MET A C   1 
ATOM   13  C C   B MET A 1 2  ? -6.150  -5.574  -4.540  0.50 23.16 ? 2   MET A C   1 
ATOM   14  O O   A MET A 1 2  ? -7.138  -5.417  -5.238  0.50 23.89 ? 2   MET A O   1 
ATOM   15  O O   B MET A 1 2  ? -7.242  -5.271  -5.024  0.50 24.12 ? 2   MET A O   1 
ATOM   16  C CB  A MET A 1 2  ? -5.315  -8.009  -4.777  0.50 22.69 ? 2   MET A CB  1 
ATOM   17  C CB  B MET A 1 2  ? -5.532  -7.937  -5.038  0.50 22.53 ? 2   MET A CB  1 
ATOM   18  C CG  A MET A 1 2  ? -4.572  -9.112  -4.015  0.50 22.01 ? 2   MET A CG  1 
ATOM   19  C CG  B MET A 1 2  ? -4.873  -9.211  -4.532  0.50 22.77 ? 2   MET A CG  1 
ATOM   20  S SD  A MET A 1 2  ? -3.854  -10.374 -5.078  0.50 23.10 ? 2   MET A SD  1 
ATOM   21  S SD  B MET A 1 2  ? -4.337  -10.320 -5.869  0.50 23.11 ? 2   MET A SD  1 
ATOM   22  C CE  A MET A 1 2  ? -5.371  -11.100 -5.726  0.50 21.48 ? 2   MET A CE  1 
ATOM   23  C CE  B MET A 1 2  ? -3.738  -11.705 -4.870  0.50 22.29 ? 2   MET A CE  1 
ATOM   24  N N   . PHE A 1 3  ? -5.106  -4.748  -4.502  1.00 23.03 ? 3   PHE A N   1 
ATOM   25  C CA  . PHE A 1 3  ? -5.102  -3.425  -5.134  1.00 22.93 ? 3   PHE A CA  1 
ATOM   26  C C   . PHE A 1 3  ? -3.731  -3.149  -5.776  1.00 23.67 ? 3   PHE A C   1 
ATOM   27  O O   . PHE A 1 3  ? -2.696  -3.600  -5.275  1.00 23.81 ? 3   PHE A O   1 
ATOM   28  C CB  . PHE A 1 3  ? -5.359  -2.334  -4.080  1.00 23.58 ? 3   PHE A CB  1 
ATOM   29  C CG  . PHE A 1 3  ? -6.683  -2.456  -3.376  1.00 23.13 ? 3   PHE A CG  1 
ATOM   30  C CD1 . PHE A 1 3  ? -7.761  -1.682  -3.772  1.00 23.36 ? 3   PHE A CD1 1 
ATOM   31  C CD2 . PHE A 1 3  ? -6.850  -3.351  -2.321  1.00 24.01 ? 3   PHE A CD2 1 
ATOM   32  C CE1 . PHE A 1 3  ? -8.994  -1.791  -3.124  1.00 24.78 ? 3   PHE A CE1 1 
ATOM   33  C CE2 . PHE A 1 3  ? -8.088  -3.474  -1.666  1.00 23.52 ? 3   PHE A CE2 1 
ATOM   34  C CZ  . PHE A 1 3  ? -9.155  -2.689  -2.067  1.00 24.48 ? 3   PHE A CZ  1 
ATOM   35  N N   . GLU A 1 4  ? -3.719  -2.377  -6.859  1.00 22.68 ? 4   GLU A N   1 
ATOM   36  C CA  . GLU A 1 4  ? -2.486  -2.019  -7.551  1.00 22.99 ? 4   GLU A CA  1 
ATOM   37  C C   . GLU A 1 4  ? -2.137  -0.529  -7.379  1.00 22.26 ? 4   GLU A C   1 
ATOM   38  O O   . GLU A 1 4  ? -3.006  0.344   -7.468  1.00 21.54 ? 4   GLU A O   1 
ATOM   39  C CB  . GLU A 1 4  ? -2.629  -2.372  -9.025  1.00 22.85 ? 4   GLU A CB  1 
ATOM   40  C CG  . GLU A 1 4  ? -1.363  -2.191  -9.857  1.00 23.30 ? 4   GLU A CG  1 
ATOM   41  C CD  . GLU A 1 4  ? -1.591  -2.510  -11.323 1.00 23.96 ? 4   GLU A CD  1 
ATOM   42  O OE1 . GLU A 1 4  ? -2.411  -3.396  -11.628 1.00 25.18 ? 4   GLU A OE1 1 
ATOM   43  O OE2 . GLU A 1 4  ? -0.939  -1.890  -12.183 1.00 24.42 ? 4   GLU A OE2 1 
ATOM   44  N N   . ALA A 1 5  ? -0.867  -0.233  -7.123  1.00 22.21 ? 5   ALA A N   1 
ATOM   45  C CA  . ALA A 1 5  ? -0.433  1.158   -7.032  1.00 22.27 ? 5   ALA A CA  1 
ATOM   46  C C   . ALA A 1 5  ? -0.536  1.859   -8.394  1.00 22.79 ? 5   ALA A C   1 
ATOM   47  O O   . ALA A 1 5  ? 0.001   1.386   -9.399  1.00 22.47 ? 5   ALA A O   1 
ATOM   48  C CB  . ALA A 1 5  ? 0.974   1.241   -6.475  1.00 22.38 ? 5   ALA A CB  1 
ATOM   49  N N   . ALA A 1 6  ? -1.217  3.001   -8.396  1.00 22.28 ? 6   ALA A N   1 
ATOM   50  C CA  . ALA A 1 6  ? -1.408  3.832   -9.580  1.00 21.52 ? 6   ALA A CA  1 
ATOM   51  C C   . ALA A 1 6  ? -0.295  4.889   -9.719  1.00 21.93 ? 6   ALA A C   1 
ATOM   52  O O   . ALA A 1 6  ? -0.121  5.483   -10.791 1.00 21.46 ? 6   ALA A O   1 
ATOM   53  C CB  . ALA A 1 6  ? -2.762  4.508   -9.500  1.00 22.12 ? 6   ALA A CB  1 
ATOM   54  N N   . TYR A 1 7  ? 0.421   5.131   -8.617  1.00 21.94 ? 7   TYR A N   1 
ATOM   55  C CA  . TYR A 1 7  ? 1.493   6.133   -8.562  1.00 21.55 ? 7   TYR A CA  1 
ATOM   56  C C   . TYR A 1 7  ? 2.629   5.593   -7.719  1.00 21.25 ? 7   TYR A C   1 
ATOM   57  O O   . TYR A 1 7  ? 2.388   4.825   -6.806  1.00 21.64 ? 7   TYR A O   1 
ATOM   58  C CB  . TYR A 1 7  ? 0.979   7.433   -7.922  1.00 22.40 ? 7   TYR A CB  1 
ATOM   59  C CG  . TYR A 1 7  ? -0.259  7.974   -8.588  1.00 23.04 ? 7   TYR A CG  1 
ATOM   60  C CD1 . TYR A 1 7  ? -0.173  8.823   -9.677  1.00 21.82 ? 7   TYR A CD1 1 
ATOM   61  C CD2 . TYR A 1 7  ? -1.522  7.594   -8.153  1.00 23.63 ? 7   TYR A CD2 1 
ATOM   62  C CE1 . TYR A 1 7  ? -1.321  9.311   -10.302 1.00 24.31 ? 7   TYR A CE1 1 
ATOM   63  C CE2 . TYR A 1 7  ? -2.673  8.073   -8.773  1.00 23.84 ? 7   TYR A CE2 1 
ATOM   64  C CZ  . TYR A 1 7  ? -2.566  8.916   -9.840  1.00 22.79 ? 7   TYR A CZ  1 
ATOM   65  O OH  . TYR A 1 7  ? -3.708  9.374   -10.450 1.00 25.14 ? 7   TYR A OH  1 
ATOM   66  N N   . ASP A 1 8  ? 3.860   6.016   -8.008  1.00 20.80 ? 8   ASP A N   1 
ATOM   67  C CA  . ASP A 1 8  ? 4.998   5.711   -7.144  1.00 20.56 ? 8   ASP A CA  1 
ATOM   68  C C   . ASP A 1 8  ? 4.788   6.332   -5.753  1.00 21.50 ? 8   ASP A C   1 
ATOM   69  O O   . ASP A 1 8  ? 4.324   7.469   -5.628  1.00 22.07 ? 8   ASP A O   1 
ATOM   70  C CB  . ASP A 1 8  ? 6.303   6.313   -7.689  1.00 20.23 ? 8   ASP A CB  1 
ATOM   71  C CG  . ASP A 1 8  ? 6.870   5.595   -8.903  1.00 19.25 ? 8   ASP A CG  1 
ATOM   72  O OD1 . ASP A 1 8  ? 6.442   4.491   -9.272  1.00 20.86 ? 8   ASP A OD1 1 
ATOM   73  O OD2 . ASP A 1 8  ? 7.809   6.112   -9.546  1.00 21.56 ? 8   ASP A OD2 1 
ATOM   74  N N   . PHE A 1 9  ? 5.160   5.584   -4.718  1.00 21.93 ? 9   PHE A N   1 
ATOM   75  C CA  . PHE A 1 9  ? 5.111   6.041   -3.334  1.00 22.45 ? 9   PHE A CA  1 
ATOM   76  C C   . PHE A 1 9  ? 6.437   5.651   -2.679  1.00 23.30 ? 9   PHE A C   1 
ATOM   77  O O   . PHE A 1 9  ? 6.581   4.512   -2.237  1.00 24.13 ? 9   PHE A O   1 
ATOM   78  C CB  . PHE A 1 9  ? 3.938   5.373   -2.585  1.00 21.73 ? 9   PHE A CB  1 
ATOM   79  C CG  . PHE A 1 9  ? 3.945   5.640   -1.107  1.00 21.83 ? 9   PHE A CG  1 
ATOM   80  C CD1 . PHE A 1 9  ? 3.799   6.940   -0.626  1.00 21.37 ? 9   PHE A CD1 1 
ATOM   81  C CD2 . PHE A 1 9  ? 4.124   4.608   -0.191  1.00 23.57 ? 9   PHE A CD2 1 
ATOM   82  C CE1 . PHE A 1 9  ? 3.816   7.204   0.724   1.00 23.65 ? 9   PHE A CE1 1 
ATOM   83  C CE2 . PHE A 1 9  ? 4.150   4.873   1.181   1.00 23.07 ? 9   PHE A CE2 1 
ATOM   84  C CZ  . PHE A 1 9  ? 3.994   6.170   1.635   1.00 21.94 ? 9   PHE A CZ  1 
ATOM   85  N N   . PRO A 1 10 ? 7.426   6.542   -2.670  1.00 25.20 ? 10  PRO A N   1 
ATOM   86  C CA  . PRO A 1 10 ? 8.733   6.225   -2.076  1.00 26.65 ? 10  PRO A CA  1 
ATOM   87  C C   . PRO A 1 10 ? 8.699   5.809   -0.594  1.00 28.29 ? 10  PRO A C   1 
ATOM   88  O O   . PRO A 1 10 ? 9.538   5.002   -0.188  1.00 28.35 ? 10  PRO A O   1 
ATOM   89  C CB  . PRO A 1 10 ? 9.532   7.523   -2.262  1.00 26.59 ? 10  PRO A CB  1 
ATOM   90  C CG  . PRO A 1 10 ? 8.864   8.238   -3.405  1.00 25.87 ? 10  PRO A CG  1 
ATOM   91  C CD  . PRO A 1 10 ? 7.410   7.877   -3.291  1.00 24.95 ? 10  PRO A CD  1 
ATOM   92  N N   . GLY A 1 11 ? 7.760   6.335   0.189   1.00 30.26 ? 11  GLY A N   1 
ATOM   93  C CA  . GLY A 1 11 ? 7.602   5.922   1.584   1.00 31.66 ? 11  GLY A CA  1 
ATOM   94  C C   . GLY A 1 11 ? 8.748   6.340   2.493   1.00 32.85 ? 11  GLY A C   1 
ATOM   95  O O   . GLY A 1 11 ? 9.258   5.538   3.295   1.00 33.67 ? 11  GLY A O   1 
ATOM   96  N N   . SER A 1 12 ? 9.141   7.608   2.372   1.00 33.59 ? 12  SER A N   1 
ATOM   97  C CA  . SER A 1 12 ? 10.312  8.145   3.056   1.00 34.25 ? 12  SER A CA  1 
ATOM   98  C C   . SER A 1 12 ? 9.969   8.797   4.389   1.00 34.33 ? 12  SER A C   1 
ATOM   99  O O   . SER A 1 12 ? 10.870  9.166   5.140   1.00 34.66 ? 12  SER A O   1 
ATOM   100 C CB  . SER A 1 12 ? 11.005  9.170   2.152   1.00 34.94 ? 12  SER A CB  1 
ATOM   101 O OG  . SER A 1 12 ? 11.164  8.660   0.837   1.00 36.92 ? 12  SER A OG  1 
ATOM   102 N N   . GLY A 1 13 ? 8.674   8.939   4.670   1.00 34.57 ? 13  GLY A N   1 
ATOM   103 C CA  . GLY A 1 13 ? 8.189   9.563   5.892   1.00 34.53 ? 13  GLY A CA  1 
ATOM   104 C C   . GLY A 1 13 ? 8.516   8.833   7.188   1.00 34.68 ? 13  GLY A C   1 
ATOM   105 O O   . GLY A 1 13 ? 8.849   9.473   8.197   1.00 35.40 ? 13  GLY A O   1 
ATOM   106 N N   . SER A 1 14 ? 8.400   7.504   7.169   1.00 34.01 ? 14  SER A N   1 
ATOM   107 C CA  . SER A 1 14 ? 8.740   6.670   8.328   1.00 33.56 ? 14  SER A CA  1 
ATOM   108 C C   . SER A 1 14 ? 9.028   5.222   7.926   1.00 32.90 ? 14  SER A C   1 
ATOM   109 O O   . SER A 1 14 ? 8.661   4.795   6.827   1.00 33.35 ? 14  SER A O   1 
ATOM   110 C CB  . SER A 1 14 ? 7.615   6.716   9.370   1.00 34.05 ? 14  SER A CB  1 
ATOM   111 O OG  . SER A 1 14 ? 6.360   6.923   8.756   1.00 36.28 ? 14  SER A OG  1 
ATOM   112 N N   . PRO A 1 15 ? 9.664   4.458   8.817   1.00 31.43 ? 15  PRO A N   1 
ATOM   113 C CA  . PRO A 1 15 ? 9.965   3.047   8.531   1.00 30.45 ? 15  PRO A CA  1 
ATOM   114 C C   . PRO A 1 15 ? 8.718   2.162   8.540   1.00 29.08 ? 15  PRO A C   1 
ATOM   115 O O   . PRO A 1 15 ? 8.795   1.010   8.122   1.00 28.94 ? 15  PRO A O   1 
ATOM   116 C CB  . PRO A 1 15 ? 10.902  2.657   9.679   1.00 30.82 ? 15  PRO A CB  1 
ATOM   117 C CG  . PRO A 1 15 ? 10.503  3.540   10.792  1.00 30.99 ? 15  PRO A CG  1 
ATOM   118 C CD  . PRO A 1 15 ? 10.136  4.850   10.161  1.00 31.57 ? 15  PRO A CD  1 
ATOM   119 N N   . SER A 1 16 ? 7.600   2.705   9.017   1.00 27.72 ? 16  SER A N   1 
ATOM   120 C CA  . SER A 1 16 ? 6.328   1.997   9.085   1.00 26.80 ? 16  SER A CA  1 
ATOM   121 C C   . SER A 1 16 ? 5.553   2.057   7.779   1.00 25.51 ? 16  SER A C   1 
ATOM   122 O O   . SER A 1 16 ? 4.487   1.467   7.664   1.00 24.58 ? 16  SER A O   1 
ATOM   123 C CB  . SER A 1 16 ? 5.469   2.622   10.176  1.00 27.02 ? 16  SER A CB  1 
ATOM   124 O OG  . SER A 1 16 ? 4.998   3.898   9.759   1.00 29.14 ? 16  SER A OG  1 
ATOM   125 N N   . GLU A 1 17 ? 6.066   2.814   6.821   1.00 24.65 ? 17  GLU A N   1 
ATOM   126 C CA  . GLU A 1 17 ? 5.433   2.949   5.521   1.00 24.66 ? 17  GLU A CA  1 
ATOM   127 C C   . GLU A 1 17 ? 5.972   1.862   4.598   1.00 23.90 ? 17  GLU A C   1 
ATOM   128 O O   . GLU A 1 17 ? 7.055   1.318   4.838   1.00 24.44 ? 17  GLU A O   1 
ATOM   129 C CB  . GLU A 1 17 ? 5.683   4.352   4.957   1.00 24.55 ? 17  GLU A CB  1 
ATOM   130 C CG  . GLU A 1 17 ? 4.961   5.442   5.753   1.00 25.61 ? 17  GLU A CG  1 
ATOM   131 C CD  . GLU A 1 17 ? 5.336   6.853   5.348   1.00 26.28 ? 17  GLU A CD  1 
ATOM   132 O OE1 . GLU A 1 17 ? 6.180   7.020   4.441   1.00 28.21 ? 17  GLU A OE1 1 
ATOM   133 O OE2 . GLU A 1 17 ? 4.790   7.803   5.971   1.00 28.98 ? 17  GLU A OE2 1 
ATOM   134 N N   . LEU A 1 18 ? 5.209   1.554   3.556   1.00 22.99 ? 18  LEU A N   1 
ATOM   135 C CA  . LEU A 1 18 ? 5.532   0.493   2.597   1.00 22.90 ? 18  LEU A CA  1 
ATOM   136 C C   . LEU A 1 18 ? 5.780   1.129   1.254   1.00 22.33 ? 18  LEU A C   1 
ATOM   137 O O   . LEU A 1 18 ? 4.837   1.596   0.620   1.00 21.97 ? 18  LEU A O   1 
ATOM   138 C CB  . LEU A 1 18 ? 4.370   -0.505  2.469   1.00 21.74 ? 18  LEU A CB  1 
ATOM   139 C CG  . LEU A 1 18 ? 4.543   -1.692  1.512   1.00 23.28 ? 18  LEU A CG  1 
ATOM   140 C CD1 . LEU A 1 18 ? 5.722   -2.602  1.948   1.00 22.96 ? 18  LEU A CD1 1 
ATOM   141 C CD2 . LEU A 1 18 ? 3.231   -2.487  1.423   1.00 23.17 ? 18  LEU A CD2 1 
ATOM   142 N N   . PRO A 1 19 ? 7.035   1.180   0.812   1.00 22.96 ? 19  PRO A N   1 
ATOM   143 C CA  . PRO A 1 19 ? 7.333   1.749   -0.507  1.00 24.05 ? 19  PRO A CA  1 
ATOM   144 C C   . PRO A 1 19 ? 6.674   0.944   -1.630  1.00 25.23 ? 19  PRO A C   1 
ATOM   145 O O   . PRO A 1 19 ? 6.617   -0.296  -1.589  1.00 25.53 ? 19  PRO A O   1 
ATOM   146 C CB  . PRO A 1 19 ? 8.861   1.686   -0.590  1.00 23.68 ? 19  PRO A CB  1 
ATOM   147 C CG  . PRO A 1 19 ? 9.325   1.534   0.835   1.00 23.59 ? 19  PRO A CG  1 
ATOM   148 C CD  . PRO A 1 19 ? 8.255   0.736   1.510   1.00 23.44 ? 19  PRO A CD  1 
ATOM   149 N N   . LEU A 1 20 ? 6.134   1.653   -2.612  1.00 25.04 ? 20  LEU A N   1 
ATOM   150 C CA  . LEU A 1 20 ? 5.550   1.020   -3.779  1.00 24.53 ? 20  LEU A CA  1 
ATOM   151 C C   . LEU A 1 20 ? 5.999   1.727   -5.038  1.00 23.97 ? 20  LEU A C   1 
ATOM   152 O O   . LEU A 1 20 ? 6.197   2.936   -5.035  1.00 24.39 ? 20  LEU A O   1 
ATOM   153 C CB  . LEU A 1 20 ? 4.028   1.074   -3.723  1.00 25.91 ? 20  LEU A CB  1 
ATOM   154 C CG  . LEU A 1 20 ? 3.349   0.399   -2.534  1.00 27.86 ? 20  LEU A CG  1 
ATOM   155 C CD1 . LEU A 1 20 ? 1.856   0.737   -2.548  1.00 30.01 ? 20  LEU A CD1 1 
ATOM   156 C CD2 . LEU A 1 20 ? 3.556   -1.084  -2.588  1.00 29.30 ? 20  LEU A CD2 1 
ATOM   157 N N   . LYS A 1 21 ? 6.204   0.941   -6.087  1.00 23.22 ? 21  LYS A N   1 
ATOM   158 C CA  . LYS A 1 21 ? 6.297   1.431   -7.443  1.00 22.29 ? 21  LYS A CA  1 
ATOM   159 C C   . LYS A 1 21 ? 4.926   1.270   -8.100  1.00 21.85 ? 21  LYS A C   1 
ATOM   160 O O   . LYS A 1 21 ? 4.169   0.332   -7.791  1.00 22.46 ? 21  LYS A O   1 
ATOM   161 C CB  . LYS A 1 21 ? 7.349   0.642   -8.242  1.00 22.45 ? 21  LYS A CB  1 
ATOM   162 C CG  . LYS A 1 21 ? 8.797   1.023   -7.946  1.00 21.68 ? 21  LYS A CG  1 
ATOM   163 C CD  . LYS A 1 21 ? 9.146   2.423   -8.408  1.00 21.94 ? 21  LYS A CD  1 
ATOM   164 C CE  . LYS A 1 21 ? 10.616  2.648   -8.339  1.00 20.87 ? 21  LYS A CE  1 
ATOM   165 N NZ  . LYS A 1 21 ? 11.018  3.996   -8.874  1.00 19.24 ? 21  LYS A NZ  1 
ATOM   166 N N   . LYS A 1 22 ? 4.604   2.176   -9.012  1.00 21.93 ? 22  LYS A N   1 
ATOM   167 C CA  . LYS A 1 22 ? 3.433   2.019   -9.864  1.00 21.66 ? 22  LYS A CA  1 
ATOM   168 C C   . LYS A 1 22 ? 3.487   0.638   -10.502 1.00 21.17 ? 22  LYS A C   1 
ATOM   169 O O   . LYS A 1 22 ? 4.515   0.248   -11.054 1.00 19.53 ? 22  LYS A O   1 
ATOM   170 C CB  . LYS A 1 22 ? 3.388   3.088   -10.955 1.00 21.86 ? 22  LYS A CB  1 
ATOM   171 C CG  . LYS A 1 22 ? 2.160   2.997   -11.872 1.00 22.27 ? 22  LYS A CG  1 
ATOM   172 C CD  . LYS A 1 22 ? 2.161   4.099   -12.934 1.00 21.86 ? 22  LYS A CD  1 
ATOM   173 C CE  . LYS A 1 22 ? 0.996   3.938   -13.921 1.00 21.75 ? 22  LYS A CE  1 
ATOM   174 N NZ  . LYS A 1 22 ? -0.312  3.826   -13.212 1.00 24.08 ? 22  LYS A NZ  1 
ATOM   175 N N   . GLY A 1 23 ? 2.375   -0.089  -10.411 1.00 21.05 ? 23  GLY A N   1 
ATOM   176 C CA  . GLY A 1 23 ? 2.280   -1.443  -10.925 1.00 21.86 ? 23  GLY A CA  1 
ATOM   177 C C   . GLY A 1 23 ? 2.333   -2.523  -9.855  1.00 21.89 ? 23  GLY A C   1 
ATOM   178 O O   . GLY A 1 23 ? 2.050   -3.695  -10.126 1.00 23.18 ? 23  GLY A O   1 
ATOM   179 N N   . ASP A 1 24 ? 2.726   -2.169  -8.632  1.00 22.46 ? 24  ASP A N   1 
ATOM   180 C CA  . ASP A 1 24 ? 2.810   -3.181  -7.587  1.00 23.03 ? 24  ASP A CA  1 
ATOM   181 C C   . ASP A 1 24 ? 1.426   -3.544  -7.061  1.00 22.45 ? 24  ASP A C   1 
ATOM   182 O O   . ASP A 1 24 ? 0.698   -2.683  -6.578  1.00 23.30 ? 24  ASP A O   1 
ATOM   183 C CB  . ASP A 1 24 ? 3.694   -2.718  -6.445  1.00 23.19 ? 24  ASP A CB  1 
ATOM   184 C CG  . ASP A 1 24 ? 5.130   -2.552  -6.854  1.00 24.76 ? 24  ASP A CG  1 
ATOM   185 O OD1 . ASP A 1 24 ? 5.481   -2.868  -8.020  1.00 24.84 ? 24  ASP A OD1 1 
ATOM   186 O OD2 . ASP A 1 24 ? 5.979   -2.106  -6.060  1.00 27.00 ? 24  ASP A OD2 1 
ATOM   187 N N   . VAL A 1 25 ? 1.073   -4.825  -7.157  1.00 22.62 ? 25  VAL A N   1 
ATOM   188 C CA  . VAL A 1 25 ? -0.166  -5.369  -6.589  1.00 22.43 ? 25  VAL A CA  1 
ATOM   189 C C   . VAL A 1 25 ? 0.141   -5.871  -5.167  1.00 22.34 ? 25  VAL A C   1 
ATOM   190 O O   . VAL A 1 25 ? 1.117   -6.607  -4.963  1.00 24.01 ? 25  VAL A O   1 
ATOM   191 C CB  . VAL A 1 25 ? -0.727  -6.529  -7.446  1.00 21.19 ? 25  VAL A CB  1 
ATOM   192 C CG1 . VAL A 1 25 ? -1.943  -7.176  -6.786  1.00 21.24 ? 25  VAL A CG1 1 
ATOM   193 C CG2 . VAL A 1 25 ? -1.080  -6.056  -8.868  1.00 22.62 ? 25  VAL A CG2 1 
ATOM   194 N N   . ILE A 1 26 ? -0.681  -5.448  -4.202  1.00 21.75 ? 26  ILE A N   1 
ATOM   195 C CA  . ILE A 1 26 ? -0.544  -5.821  -2.786  1.00 22.21 ? 26  ILE A CA  1 
ATOM   196 C C   . ILE A 1 26 ? -1.914  -6.154  -2.198  1.00 21.97 ? 26  ILE A C   1 
ATOM   197 O O   . ILE A 1 26 ? -2.930  -5.862  -2.811  1.00 22.50 ? 26  ILE A O   1 
ATOM   198 C CB  . ILE A 1 26 ? 0.069   -4.667  -1.965  1.00 22.91 ? 26  ILE A CB  1 
ATOM   199 C CG1 . ILE A 1 26 ? -0.869  -3.443  -1.952  1.00 22.85 ? 26  ILE A CG1 1 
ATOM   200 C CG2 . ILE A 1 26 ? 1.460   -4.291  -2.501  1.00 23.55 ? 26  ILE A CG2 1 
ATOM   201 C CD1 . ILE A 1 26 ? -0.398  -2.270  -1.079  1.00 21.79 ? 26  ILE A CD1 1 
ATOM   202 N N   . TYR A 1 27 ? -1.933  -6.752  -1.013  1.00 22.68 ? 27  TYR A N   1 
ATOM   203 C CA  . TYR A 1 27 ? -3.171  -6.918  -0.238  1.00 24.10 ? 27  TYR A CA  1 
ATOM   204 C C   . TYR A 1 27 ? -3.399  -5.663  0.597   1.00 25.38 ? 27  TYR A C   1 
ATOM   205 O O   . TYR A 1 27 ? -2.443  -5.075  1.092   1.00 24.78 ? 27  TYR A O   1 
ATOM   206 C CB  . TYR A 1 27 ? -3.100  -8.132  0.691   1.00 25.23 ? 27  TYR A CB  1 
ATOM   207 C CG  . TYR A 1 27 ? -3.191  -9.452  -0.018  1.00 24.50 ? 27  TYR A CG  1 
ATOM   208 C CD1 . TYR A 1 27 ? -4.409  -9.906  -0.513  1.00 26.53 ? 27  TYR A CD1 1 
ATOM   209 C CD2 . TYR A 1 27 ? -2.071  -10.256 -0.188  1.00 25.38 ? 27  TYR A CD2 1 
ATOM   210 C CE1 . TYR A 1 27 ? -4.510  -11.141 -1.166  1.00 26.69 ? 27  TYR A CE1 1 
ATOM   211 C CE2 . TYR A 1 27 ? -2.164  -11.487 -0.843  1.00 25.24 ? 27  TYR A CE2 1 
ATOM   212 C CZ  . TYR A 1 27 ? -3.380  -11.923 -1.327  1.00 27.17 ? 27  TYR A CZ  1 
ATOM   213 O OH  . TYR A 1 27 ? -3.467  -13.137 -1.976  1.00 26.71 ? 27  TYR A OH  1 
ATOM   214 N N   . ILE A 1 28 ? -4.651  -5.221  0.702   1.00 25.03 ? 28  ILE A N   1 
ATOM   215 C CA  . ILE A 1 28 ? -5.033  -4.192  1.672   1.00 25.50 ? 28  ILE A CA  1 
ATOM   216 C C   . ILE A 1 28 ? -6.062  -4.778  2.622   1.00 25.12 ? 28  ILE A C   1 
ATOM   217 O O   . ILE A 1 28 ? -7.073  -5.340  2.191   1.00 23.44 ? 28  ILE A O   1 
ATOM   218 C CB  . ILE A 1 28 ? -5.560  -2.903  0.995   1.00 25.68 ? 28  ILE A CB  1 
ATOM   219 C CG1 . ILE A 1 28 ? -4.408  -2.212  0.263   1.00 27.49 ? 28  ILE A CG1 1 
ATOM   220 C CG2 . ILE A 1 28 ? -6.155  -1.948  2.049   1.00 26.24 ? 28  ILE A CG2 1 
ATOM   221 C CD1 . ILE A 1 28 ? -4.810  -0.994  -0.491  1.00 27.84 ? 28  ILE A CD1 1 
ATOM   222 N N   . THR A 1 29 ? -5.772  -4.646  3.914   1.00 25.62 ? 29  THR A N   1 
ATOM   223 C CA  . THR A 1 29 ? -6.570  -5.229  4.987   1.00 25.92 ? 29  THR A CA  1 
ATOM   224 C C   . THR A 1 29 ? -7.435  -4.199  5.717   1.00 25.67 ? 29  THR A C   1 
ATOM   225 O O   . THR A 1 29 ? -8.491  -4.554  6.216   1.00 25.33 ? 29  THR A O   1 
ATOM   226 C CB  . THR A 1 29 ? -5.648  -5.919  6.018   1.00 26.50 ? 29  THR A CB  1 
ATOM   227 O OG1 . THR A 1 29 ? -4.578  -5.029  6.393   1.00 28.10 ? 29  THR A OG1 1 
ATOM   228 C CG2 . THR A 1 29 ? -4.940  -7.121  5.400   1.00 28.04 ? 29  THR A CG2 1 
ATOM   229 N N   . ARG A 1 30 ? -6.971  -2.946  5.810   1.00 24.90 ? 30  ARG A N   1 
ATOM   230 C CA  . ARG A 1 30 ? -7.714  -1.875  6.510   1.00 24.89 ? 30  ARG A CA  1 
ATOM   231 C C   . ARG A 1 30 ? -7.490  -0.519  5.845   1.00 24.05 ? 30  ARG A C   1 
ATOM   232 O O   . ARG A 1 30 ? -6.376  -0.209  5.449   1.00 24.03 ? 30  ARG A O   1 
ATOM   233 C CB  . ARG A 1 30 ? -7.268  -1.747  7.983   1.00 26.66 ? 30  ARG A CB  1 
ATOM   234 C CG  . ARG A 1 30 ? -7.217  -3.031  8.808   1.00 28.45 ? 30  ARG A CG  1 
ATOM   235 C CD  . ARG A 1 30 ? -8.572  -3.562  9.290   1.00 32.80 ? 30  ARG A CD  1 
ATOM   236 N NE  . ARG A 1 30 ? -8.517  -5.003  9.606   1.00 33.18 ? 30  ARG A NE  1 
ATOM   237 C CZ  . ARG A 1 30 ? -8.723  -5.558  10.806  1.00 35.93 ? 30  ARG A CZ  1 
ATOM   238 N NH1 . ARG A 1 30 ? -9.022  -4.823  11.876  1.00 38.16 ? 30  ARG A NH1 1 
ATOM   239 N NH2 . ARG A 1 30 ? -8.640  -6.882  10.939  1.00 36.66 ? 30  ARG A NH2 1 
ATOM   240 N N   . GLU A 1 31 ? -8.542  0.293   5.739   1.00 22.40 ? 31  GLU A N   1 
ATOM   241 C CA  . GLU A 1 31 ? -8.410  1.685   5.295   1.00 22.41 ? 31  GLU A CA  1 
ATOM   242 C C   . GLU A 1 31 ? -8.882  2.573   6.445   1.00 21.56 ? 31  GLU A C   1 
ATOM   243 O O   . GLU A 1 31 ? -9.975  2.381   6.966   1.00 21.77 ? 31  GLU A O   1 
ATOM   244 C CB  . GLU A 1 31 ? -9.218  1.950   3.998   1.00 21.55 ? 31  GLU A CB  1 
ATOM   245 C CG  . GLU A 1 31 ? -8.771  1.073   2.830   1.00 21.85 ? 31  GLU A CG  1 
ATOM   246 C CD  . GLU A 1 31 ? -9.527  1.278   1.525   1.00 21.93 ? 31  GLU A CD  1 
ATOM   247 O OE1 . GLU A 1 31 ? -10.531 1.991   1.518   1.00 21.17 ? 31  GLU A OE1 1 
ATOM   248 O OE2 . GLU A 1 31 ? -9.095  0.686   0.501   1.00 22.29 ? 31  GLU A OE2 1 
ATOM   249 N N   . GLU A 1 32 ? -8.047  3.538   6.832   1.00 21.85 ? 32  GLU A N   1 
ATOM   250 C CA  . GLU A 1 32 ? -8.236  4.316   8.062   1.00 22.33 ? 32  GLU A CA  1 
ATOM   251 C C   . GLU A 1 32 ? -8.701  5.734   7.762   1.00 21.91 ? 32  GLU A C   1 
ATOM   252 O O   . GLU A 1 32 ? -8.423  6.258   6.679   1.00 21.50 ? 32  GLU A O   1 
ATOM   253 C CB  . GLU A 1 32 ? -6.918  4.390   8.853   1.00 23.03 ? 32  GLU A CB  1 
ATOM   254 C CG  . GLU A 1 32 ? -6.244  3.056   9.123   1.00 24.77 ? 32  GLU A CG  1 
ATOM   255 C CD  . GLU A 1 32 ? -6.944  2.215   10.173  1.00 27.55 ? 32  GLU A CD  1 
ATOM   256 O OE1 . GLU A 1 32 ? -7.905  2.688   10.831  1.00 29.13 ? 32  GLU A OE1 1 
ATOM   257 O OE2 . GLU A 1 32 ? -6.514  1.058   10.347  1.00 31.19 ? 32  GLU A OE2 1 
ATOM   258 N N   . PRO A 1 33 ? -9.378  6.376   8.726   1.00 22.25 ? 33  PRO A N   1 
ATOM   259 C CA  . PRO A 1 33 ? -9.799  7.778   8.571   1.00 21.82 ? 33  PRO A CA  1 
ATOM   260 C C   . PRO A 1 33 ? -8.655  8.786   8.494   1.00 21.65 ? 33  PRO A C   1 
ATOM   261 O O   . PRO A 1 33 ? -8.910  9.957   8.261   1.00 21.94 ? 33  PRO A O   1 
ATOM   262 C CB  . PRO A 1 33 ? -10.669 8.032   9.811   1.00 22.49 ? 33  PRO A CB  1 
ATOM   263 C CG  . PRO A 1 33 ? -10.292 6.993   10.782  1.00 21.76 ? 33  PRO A CG  1 
ATOM   264 C CD  . PRO A 1 33 ? -9.825  5.809   10.012  1.00 22.14 ? 33  PRO A CD  1 
ATOM   265 N N   . SER A 1 34 ? -7.422  8.334   8.694   1.00 21.73 ? 34  SER A N   1 
ATOM   266 C CA  . SER A 1 34 ? -6.239  9.168   8.506   1.00 21.80 ? 34  SER A CA  1 
ATOM   267 C C   . SER A 1 34 ? -5.871  9.379   7.029   1.00 22.31 ? 34  SER A C   1 
ATOM   268 O O   . SER A 1 34 ? -5.061  10.255  6.714   1.00 22.13 ? 34  SER A O   1 
ATOM   269 C CB  . SER A 1 34 ? -5.053  8.542   9.242   1.00 21.83 ? 34  SER A CB  1 
ATOM   270 O OG  . SER A 1 34 ? -4.751  7.262   8.721   1.00 22.24 ? 34  SER A OG  1 
ATOM   271 N N   . GLY A 1 35 ? -6.455  8.588   6.128   1.00 22.49 ? 35  GLY A N   1 
ATOM   272 C CA  . GLY A 1 35 ? -6.077  8.608   4.721   1.00 22.07 ? 35  GLY A CA  1 
ATOM   273 C C   . GLY A 1 35 ? -5.060  7.534   4.355   1.00 22.53 ? 35  GLY A C   1 
ATOM   274 O O   . GLY A 1 35 ? -4.605  7.487   3.204   1.00 23.38 ? 35  GLY A O   1 
ATOM   275 N N   . TRP A 1 36 ? -4.691  6.695   5.326   1.00 22.94 ? 36  TRP A N   1 
ATOM   276 C CA  . TRP A 1 36 ? -3.716  5.616   5.132   1.00 22.70 ? 36  TRP A CA  1 
ATOM   277 C C   . TRP A 1 36 ? -4.385  4.245   5.163   1.00 22.87 ? 36  TRP A C   1 
ATOM   278 O O   . TRP A 1 36 ? -5.360  4.033   5.892   1.00 22.24 ? 36  TRP A O   1 
ATOM   279 C CB  . TRP A 1 36 ? -2.637  5.666   6.218   1.00 22.71 ? 36  TRP A CB  1 
ATOM   280 C CG  . TRP A 1 36 ? -1.790  6.890   6.158   1.00 22.91 ? 36  TRP A CG  1 
ATOM   281 C CD1 . TRP A 1 36 ? -1.991  8.067   6.823   1.00 23.82 ? 36  TRP A CD1 1 
ATOM   282 C CD2 . TRP A 1 36 ? -0.601  7.062   5.392   1.00 23.08 ? 36  TRP A CD2 1 
ATOM   283 N NE1 . TRP A 1 36 ? -0.998  8.963   6.505   1.00 25.23 ? 36  TRP A NE1 1 
ATOM   284 C CE2 . TRP A 1 36 ? -0.133  8.372   5.623   1.00 23.86 ? 36  TRP A CE2 1 
ATOM   285 C CE3 . TRP A 1 36 ? 0.119   6.241   4.513   1.00 22.89 ? 36  TRP A CE3 1 
ATOM   286 C CZ2 . TRP A 1 36 ? 1.022   8.880   5.012   1.00 23.46 ? 36  TRP A CZ2 1 
ATOM   287 C CZ3 . TRP A 1 36 ? 1.264   6.747   3.906   1.00 23.12 ? 36  TRP A CZ3 1 
ATOM   288 C CH2 . TRP A 1 36 ? 1.704   8.052   4.162   1.00 23.44 ? 36  TRP A CH2 1 
ATOM   289 N N   . SER A 1 37 ? -3.842  3.327   4.359   1.00 23.99 ? 37  SER A N   1 
ATOM   290 C CA  . SER A 1 37 ? -4.244  1.911   4.314   1.00 23.60 ? 37  SER A CA  1 
ATOM   291 C C   . SER A 1 37 ? -3.061  1.002   4.707   1.00 23.38 ? 37  SER A C   1 
ATOM   292 O O   . SER A 1 37 ? -1.902  1.315   4.407   1.00 22.43 ? 37  SER A O   1 
ATOM   293 C CB  . SER A 1 37 ? -4.670  1.527   2.891   1.00 23.42 ? 37  SER A CB  1 
ATOM   294 O OG  . SER A 1 37 ? -5.846  2.189   2.460   1.00 24.95 ? 37  SER A OG  1 
ATOM   295 N N   A LEU A 1 38 ? -3.365  -0.120  5.357   0.50 23.22 ? 38  LEU A N   1 
ATOM   296 N N   B LEU A 1 38 ? -3.356  -0.104  5.389   0.50 23.39 ? 38  LEU A N   1 
ATOM   297 C CA  A LEU A 1 38 ? -2.363  -1.114  5.723   0.50 23.63 ? 38  LEU A CA  1 
ATOM   298 C CA  B LEU A 1 38 ? -2.345  -1.100  5.709   0.50 23.72 ? 38  LEU A CA  1 
ATOM   299 C C   A LEU A 1 38 ? -2.232  -2.168  4.620   0.50 23.56 ? 38  LEU A C   1 
ATOM   300 C C   B LEU A 1 38 ? -2.253  -2.112  4.571   0.50 23.67 ? 38  LEU A C   1 
ATOM   301 O O   A LEU A 1 38 ? -3.166  -2.927  4.368   0.50 23.37 ? 38  LEU A O   1 
ATOM   302 O O   B LEU A 1 38 ? -3.234  -2.776  4.240   0.50 23.43 ? 38  LEU A O   1 
ATOM   303 C CB  A LEU A 1 38 ? -2.758  -1.780  7.044   0.50 23.63 ? 38  LEU A CB  1 
ATOM   304 C CB  B LEU A 1 38 ? -2.674  -1.808  7.029   0.50 23.94 ? 38  LEU A CB  1 
ATOM   305 C CG  A LEU A 1 38 ? -1.864  -2.888  7.607   0.50 24.14 ? 38  LEU A CG  1 
ATOM   306 C CG  B LEU A 1 38 ? -1.551  -2.612  7.700   0.50 24.71 ? 38  LEU A CG  1 
ATOM   307 C CD1 A LEU A 1 38 ? -0.409  -2.449  7.757   0.50 24.78 ? 38  LEU A CD1 1 
ATOM   308 C CD1 B LEU A 1 38 ? -1.154  -3.827  6.858   0.50 25.73 ? 38  LEU A CD1 1 
ATOM   309 C CD2 A LEU A 1 38 ? -2.422  -3.334  8.936   0.50 24.02 ? 38  LEU A CD2 1 
ATOM   310 C CD2 B LEU A 1 38 ? -0.330  -1.737  7.998   0.50 25.68 ? 38  LEU A CD2 1 
ATOM   311 N N   . GLY A 1 39 ? -1.070  -2.207  3.974   1.00 23.93 ? 39  GLY A N   1 
ATOM   312 C CA  . GLY A 1 39 ? -0.813  -3.116  2.865   1.00 23.76 ? 39  GLY A CA  1 
ATOM   313 C C   . GLY A 1 39 ? 0.231   -4.178  3.174   1.00 24.05 ? 39  GLY A C   1 
ATOM   314 O O   . GLY A 1 39 ? 1.045   -4.014  4.072   1.00 22.90 ? 39  GLY A O   1 
ATOM   315 N N   . LYS A 1 40 ? 0.203   -5.261  2.398   1.00 23.95 ? 40  LYS A N   1 
ATOM   316 C CA  . LYS A 1 40 ? 1.135   -6.375  2.533   1.00 23.59 ? 40  LYS A CA  1 
ATOM   317 C C   . LYS A 1 40 ? 1.528   -6.904  1.149   1.00 23.37 ? 40  LYS A C   1 
ATOM   318 O O   . LYS A 1 40 ? 0.669   -7.089  0.283   1.00 22.27 ? 40  LYS A O   1 
ATOM   319 C CB  . LYS A 1 40 ? 0.500   -7.497  3.361   1.00 23.84 ? 40  LYS A CB  1 
ATOM   320 C CG  . LYS A 1 40 ? 1.412   -8.701  3.553   1.00 24.95 ? 40  LYS A CG  1 
ATOM   321 C CD  . LYS A 1 40 ? 0.946   -9.620  4.663   1.00 26.17 ? 40  LYS A CD  1 
ATOM   322 C CE  . LYS A 1 40 ? -0.445  -10.168 4.428   1.00 28.92 ? 40  LYS A CE  1 
ATOM   323 N NZ  . LYS A 1 40 ? -0.827  -11.093 5.547   1.00 27.71 ? 40  LYS A NZ  1 
ATOM   324 N N   . LEU A 1 41 ? 2.820   -7.147  0.937   1.00 21.97 ? 41  LEU A N   1 
ATOM   325 C CA  . LEU A 1 41 ? 3.298   -7.676  -0.348  1.00 22.25 ? 41  LEU A CA  1 
ATOM   326 C C   . LEU A 1 41 ? 2.767   -9.101  -0.522  1.00 21.39 ? 41  LEU A C   1 
ATOM   327 O O   . LEU A 1 41 ? 2.556   -9.807  0.465   1.00 21.24 ? 41  LEU A O   1 
ATOM   328 C CB  . LEU A 1 41 ? 4.826   -7.651  -0.426  1.00 22.07 ? 41  LEU A CB  1 
ATOM   329 C CG  . LEU A 1 41 ? 5.545   -6.305  -0.196  1.00 22.91 ? 41  LEU A CG  1 
ATOM   330 C CD1 . LEU A 1 41 ? 7.025   -6.492  -0.325  1.00 24.28 ? 41  LEU A CD1 1 
ATOM   331 C CD2 . LEU A 1 41 ? 5.053   -5.233  -1.163  1.00 22.01 ? 41  LEU A CD2 1 
ATOM   332 N N   . LEU A 1 42 ? 2.523   -9.518  -1.765  1.00 21.02 ? 42  LEU A N   1 
ATOM   333 C CA  . LEU A 1 42 ? 1.877   -10.809 -2.023  1.00 21.19 ? 42  LEU A CA  1 
ATOM   334 C C   . LEU A 1 42 ? 2.683   -12.014 -1.507  1.00 20.64 ? 42  LEU A C   1 
ATOM   335 O O   . LEU A 1 42 ? 2.117   -13.075 -1.257  1.00 21.68 ? 42  LEU A O   1 
ATOM   336 C CB  . LEU A 1 42 ? 1.548   -10.986 -3.514  1.00 21.53 ? 42  LEU A CB  1 
ATOM   337 C CG  . LEU A 1 42 ? 0.609   -9.970  -4.191  1.00 22.83 ? 42  LEU A CG  1 
ATOM   338 C CD1 . LEU A 1 42 ? 0.167   -10.492 -5.545  1.00 23.38 ? 42  LEU A CD1 1 
ATOM   339 C CD2 . LEU A 1 42 ? -0.609  -9.622  -3.363  1.00 23.88 ? 42  LEU A CD2 1 
ATOM   340 N N   . ASP A 1 43 ? 3.996   -11.850 -1.344  1.00 20.47 ? 43  ASP A N   1 
ATOM   341 C CA  . ASP A 1 43 ? 4.832   -12.933 -0.809  1.00 20.91 ? 43  ASP A CA  1 
ATOM   342 C C   . ASP A 1 43 ? 4.959   -12.914 0.722   1.00 20.44 ? 43  ASP A C   1 
ATOM   343 O O   . ASP A 1 43 ? 5.699   -13.707 1.294   1.00 19.82 ? 43  ASP A O   1 
ATOM   344 C CB  . ASP A 1 43 ? 6.218   -12.925 -1.463  1.00 20.73 ? 43  ASP A CB  1 
ATOM   345 C CG  . ASP A 1 43 ? 7.096   -11.794 -0.988  1.00 20.98 ? 43  ASP A CG  1 
ATOM   346 O OD1 . ASP A 1 43 ? 6.584   -10.810 -0.416  1.00 20.91 ? 43  ASP A OD1 1 
ATOM   347 O OD2 . ASP A 1 43 ? 8.324   -11.821 -1.154  1.00 17.52 ? 43  ASP A OD2 1 
ATOM   348 N N   . GLY A 1 44 ? 4.249   -11.998 1.372   1.00 20.34 ? 44  GLY A N   1 
ATOM   349 C CA  . GLY A 1 44 ? 4.304   -11.861 2.817   1.00 21.47 ? 44  GLY A CA  1 
ATOM   350 C C   . GLY A 1 44 ? 5.600   -11.326 3.405   1.00 21.72 ? 44  GLY A C   1 
ATOM   351 O O   . GLY A 1 44 ? 5.773   -11.381 4.612   1.00 23.36 ? 44  GLY A O   1 
ATOM   352 N N   . SER A 1 45 ? 6.489   -10.775 2.582   1.00 22.48 ? 45  SER A N   1 
ATOM   353 C CA  . SER A 1 45 ? 7.828   -10.399 3.044   1.00 22.93 ? 45  SER A CA  1 
ATOM   354 C C   . SER A 1 45 ? 7.877   -9.035  3.742   1.00 24.11 ? 45  SER A C   1 
ATOM   355 O O   . SER A 1 45 ? 8.830   -8.746  4.476   1.00 23.83 ? 45  SER A O   1 
ATOM   356 C CB  . SER A 1 45 ? 8.822   -10.406 1.879   1.00 22.64 ? 45  SER A CB  1 
ATOM   357 O OG  . SER A 1 45 ? 8.455   -9.485  0.874   1.00 21.49 ? 45  SER A OG  1 
ATOM   358 N N   . LYS A 1 46 ? 6.869   -8.203  3.501   1.00 24.87 ? 46  LYS A N   1 
ATOM   359 C CA  . LYS A 1 46 ? 6.812   -6.857  4.069   1.00 25.45 ? 46  LYS A CA  1 
ATOM   360 C C   . LYS A 1 46 ? 5.379   -6.318  4.116   1.00 25.27 ? 46  LYS A C   1 
ATOM   361 O O   . LYS A 1 46 ? 4.557   -6.627  3.262   1.00 24.30 ? 46  LYS A O   1 
ATOM   362 C CB  . LYS A 1 46 ? 7.697   -5.907  3.254   1.00 26.16 ? 46  LYS A CB  1 
ATOM   363 C CG  . LYS A 1 46 ? 8.070   -4.599  3.972   1.00 27.20 ? 46  LYS A CG  1 
ATOM   364 C CD  . LYS A 1 46 ? 9.187   -3.868  3.217   1.00 27.89 ? 46  LYS A CD  1 
ATOM   365 C CE  . LYS A 1 46 ? 9.381   -2.438  3.716   1.00 30.02 ? 46  LYS A CE  1 
ATOM   366 N NZ  . LYS A 1 46 ? 10.541  -1.768  3.055   1.00 31.21 ? 46  LYS A NZ  1 
ATOM   367 N N   . GLU A 1 47 ? 5.093   -5.509  5.130   1.00 25.71 ? 47  GLU A N   1 
ATOM   368 C CA  . GLU A 1 47 ? 3.825   -4.804  5.217   1.00 26.61 ? 47  GLU A CA  1 
ATOM   369 C C   . GLU A 1 47 ? 4.031   -3.418  5.809   1.00 25.69 ? 47  GLU A C   1 
ATOM   370 O O   . GLU A 1 47 ? 5.036   -3.162  6.471   1.00 24.55 ? 47  GLU A O   1 
ATOM   371 C CB  . GLU A 1 47 ? 2.787   -5.627  6.000   1.00 27.78 ? 47  GLU A CB  1 
ATOM   372 C CG  . GLU A 1 47 ? 2.780   -5.493  7.512   1.00 31.22 ? 47  GLU A CG  1 
ATOM   373 C CD  . GLU A 1 47 ? 1.474   -6.005  8.115   1.00 32.33 ? 47  GLU A CD  1 
ATOM   374 O OE1 . GLU A 1 47 ? 0.774   -6.801  7.441   1.00 40.05 ? 47  GLU A OE1 1 
ATOM   375 O OE2 . GLU A 1 47 ? 1.126   -5.603  9.251   1.00 38.10 ? 47  GLU A OE2 1 
ATOM   376 N N   . GLY A 1 48 ? 3.085   -2.520  5.554   1.00 24.15 ? 48  GLY A N   1 
ATOM   377 C CA  . GLY A 1 48 ? 3.220   -1.139  5.994   1.00 24.41 ? 48  GLY A CA  1 
ATOM   378 C C   . GLY A 1 48 ? 2.166   -0.220  5.421   1.00 23.72 ? 48  GLY A C   1 
ATOM   379 O O   . GLY A 1 48 ? 1.331   -0.650  4.624   1.00 22.53 ? 48  GLY A O   1 
ATOM   380 N N   . TRP A 1 49 ? 2.220   1.049   5.818   1.00 23.47 ? 49  TRP A N   1 
ATOM   381 C CA  . TRP A 1 49 ? 1.214   2.032   5.419   1.00 23.91 ? 49  TRP A CA  1 
ATOM   382 C C   . TRP A 1 49 ? 1.451   2.632   4.031   1.00 23.16 ? 49  TRP A C   1 
ATOM   383 O O   . TRP A 1 49 ? 2.575   2.997   3.676   1.00 22.05 ? 49  TRP A O   1 
ATOM   384 C CB  . TRP A 1 49 ? 1.132   3.162   6.452   1.00 24.74 ? 49  TRP A CB  1 
ATOM   385 C CG  . TRP A 1 49 ? 0.765   2.689   7.811   1.00 25.33 ? 49  TRP A CG  1 
ATOM   386 C CD1 . TRP A 1 49 ? 1.600   2.546   8.876   1.00 26.19 ? 49  TRP A CD1 1 
ATOM   387 C CD2 . TRP A 1 49 ? -0.531  2.274   8.257   1.00 24.84 ? 49  TRP A CD2 1 
ATOM   388 N NE1 . TRP A 1 49 ? 0.903   2.081   9.966   1.00 26.97 ? 49  TRP A NE1 1 
ATOM   389 C CE2 . TRP A 1 49 ? -0.408  1.897   9.609   1.00 25.90 ? 49  TRP A CE2 1 
ATOM   390 C CE3 . TRP A 1 49 ? -1.793  2.188   7.651   1.00 25.80 ? 49  TRP A CE3 1 
ATOM   391 C CZ2 . TRP A 1 49 ? -1.493  1.439   10.363  1.00 26.60 ? 49  TRP A CZ2 1 
ATOM   392 C CZ3 . TRP A 1 49 ? -2.871  1.735   8.400   1.00 26.11 ? 49  TRP A CZ3 1 
ATOM   393 C CH2 . TRP A 1 49 ? -2.712  1.366   9.741   1.00 26.42 ? 49  TRP A CH2 1 
ATOM   394 N N   . VAL A 1 50 ? 0.371   2.753   3.267   1.00 22.97 ? 50  VAL A N   1 
ATOM   395 C CA  . VAL A 1 50 ? 0.386   3.379   1.943   1.00 23.09 ? 50  VAL A CA  1 
ATOM   396 C C   . VAL A 1 50 ? -0.802  4.359   1.830   1.00 23.26 ? 50  VAL A C   1 
ATOM   397 O O   . VAL A 1 50 ? -1.805  4.177   2.509   1.00 23.09 ? 50  VAL A O   1 
ATOM   398 C CB  . VAL A 1 50 ? 0.290   2.310   0.828   1.00 23.24 ? 50  VAL A CB  1 
ATOM   399 C CG1 . VAL A 1 50 ? 1.350   1.236   1.004   1.00 23.31 ? 50  VAL A CG1 1 
ATOM   400 C CG2 . VAL A 1 50 ? -1.094  1.635   0.802   1.00 23.86 ? 50  VAL A CG2 1 
ATOM   401 N N   . PRO A 1 51 ? -0.718  5.387   0.996   1.00 22.95 ? 51  PRO A N   1 
ATOM   402 C CA  . PRO A 1 51 ? -1.864  6.290   0.837   1.00 22.96 ? 51  PRO A CA  1 
ATOM   403 C C   . PRO A 1 51 ? -3.043  5.595   0.135   1.00 22.61 ? 51  PRO A C   1 
ATOM   404 O O   . PRO A 1 51 ? -2.893  5.017   -0.938  1.00 22.53 ? 51  PRO A O   1 
ATOM   405 C CB  . PRO A 1 51 ? -1.305  7.433   -0.021  1.00 23.09 ? 51  PRO A CB  1 
ATOM   406 C CG  . PRO A 1 51 ? 0.162   7.279   0.022   1.00 22.92 ? 51  PRO A CG  1 
ATOM   407 C CD  . PRO A 1 51 ? 0.419   5.812   0.161   1.00 23.25 ? 51  PRO A CD  1 
ATOM   408 N N   . THR A 1 52 ? -4.204  5.629   0.768   1.00 22.61 ? 52  THR A N   1 
ATOM   409 C CA  . THR A 1 52 ? -5.400  5.008   0.224   1.00 22.61 ? 52  THR A CA  1 
ATOM   410 C C   . THR A 1 52 ? -5.697  5.502   -1.190  1.00 22.90 ? 52  THR A C   1 
ATOM   411 O O   . THR A 1 52 ? -6.079  4.727   -2.066  1.00 23.60 ? 52  THR A O   1 
ATOM   412 C CB  . THR A 1 52 ? -6.577  5.333   1.138   1.00 22.71 ? 52  THR A CB  1 
ATOM   413 O OG1 . THR A 1 52 ? -6.349  4.751   2.423   1.00 20.65 ? 52  THR A OG1 1 
ATOM   414 C CG2 . THR A 1 52 ? -7.864  4.680   0.657   1.00 22.62 ? 52  THR A CG2 1 
ATOM   415 N N   . ALA A 1 53 ? -5.498  6.796   -1.399  1.00 22.48 ? 53  ALA A N   1 
ATOM   416 C CA  . ALA A 1 53 ? -5.815  7.443   -2.676  1.00 24.29 ? 53  ALA A CA  1 
ATOM   417 C C   . ALA A 1 53 ? -4.956  6.969   -3.875  1.00 24.90 ? 53  ALA A C   1 
ATOM   418 O O   . ALA A 1 53 ? -5.323  7.217   -5.030  1.00 26.23 ? 53  ALA A O   1 
ATOM   419 C CB  . ALA A 1 53 ? -5.695  8.963   -2.506  1.00 24.80 ? 53  ALA A CB  1 
ATOM   420 N N   . TYR A 1 54 ? -3.837  6.301   -3.600  1.00 24.91 ? 54  TYR A N   1 
ATOM   421 C CA  . TYR A 1 54 ? -2.933  5.791   -4.643  1.00 25.49 ? 54  TYR A CA  1 
ATOM   422 C C   . TYR A 1 54 ? -3.336  4.415   -5.180  1.00 25.53 ? 54  TYR A C   1 
ATOM   423 O O   . TYR A 1 54 ? -2.787  3.959   -6.182  1.00 26.89 ? 54  TYR A O   1 
ATOM   424 C CB  . TYR A 1 54 ? -1.505  5.660   -4.091  1.00 25.97 ? 54  TYR A CB  1 
ATOM   425 C CG  . TYR A 1 54 ? -0.715  6.945   -3.896  1.00 25.81 ? 54  TYR A CG  1 
ATOM   426 C CD1 . TYR A 1 54 ? -1.338  8.161   -3.601  1.00 26.88 ? 54  TYR A CD1 1 
ATOM   427 C CD2 . TYR A 1 54 ? 0.679   6.924   -3.962  1.00 27.62 ? 54  TYR A CD2 1 
ATOM   428 C CE1 . TYR A 1 54 ? -0.593  9.322   -3.402  1.00 26.67 ? 54  TYR A CE1 1 
ATOM   429 C CE2 . TYR A 1 54 ? 1.432   8.069   -3.764  1.00 26.98 ? 54  TYR A CE2 1 
ATOM   430 C CZ  . TYR A 1 54 ? 0.794   9.269   -3.479  1.00 26.87 ? 54  TYR A CZ  1 
ATOM   431 O OH  . TYR A 1 54 ? 1.543   10.407  -3.275  1.00 26.96 ? 54  TYR A OH  1 
ATOM   432 N N   . MET A 1 55 ? -4.271  3.755   -4.509  1.00 25.43 ? 55  MET A N   1 
ATOM   433 C CA  . MET A 1 55 ? -4.545  2.338   -4.738  1.00 26.04 ? 55  MET A CA  1 
ATOM   434 C C   . MET A 1 55 ? -5.813  2.110   -5.549  1.00 27.39 ? 55  MET A C   1 
ATOM   435 O O   . MET A 1 55 ? -6.896  2.587   -5.184  1.00 26.69 ? 55  MET A O   1 
ATOM   436 C CB  . MET A 1 55 ? -4.661  1.610   -3.391  1.00 26.32 ? 55  MET A CB  1 
ATOM   437 C CG  . MET A 1 55 ? -3.456  1.823   -2.459  1.00 27.22 ? 55  MET A CG  1 
ATOM   438 S SD  . MET A 1 55 ? -1.842  1.427   -3.193  1.00 26.91 ? 55  MET A SD  1 
ATOM   439 C CE  . MET A 1 55 ? -2.123  -0.307  -3.698  1.00 27.32 ? 55  MET A CE  1 
ATOM   440 N N   . LYS A 1 56 ? -5.682  1.360   -6.639  1.00 26.80 ? 56  LYS A N   1 
ATOM   441 C CA  . LYS A 1 56 ? -6.808  1.078   -7.514  1.00 27.94 ? 56  LYS A CA  1 
ATOM   442 C C   . LYS A 1 56 ? -7.174  -0.411  -7.462  1.00 27.63 ? 56  LYS A C   1 
ATOM   443 O O   . LYS A 1 56 ? -6.309  -1.264  -7.273  1.00 26.68 ? 56  LYS A O   1 
ATOM   444 C CB  . LYS A 1 56 ? -6.521  1.551   -8.941  1.00 28.55 ? 56  LYS A CB  1 
ATOM   445 C CG  . LYS A 1 56 ? -5.428  0.812   -9.680  1.00 30.37 ? 56  LYS A CG  1 
ATOM   446 C CD  . LYS A 1 56 ? -5.276  1.358   -11.111 1.00 30.55 ? 56  LYS A CD  1 
ATOM   447 C CE  . LYS A 1 56 ? -4.146  0.670   -11.845 1.00 32.15 ? 56  LYS A CE  1 
ATOM   448 N NZ  . LYS A 1 56 ? -3.847  1.316   -13.157 1.00 33.50 ? 56  LYS A NZ  1 
ATOM   449 N N   . PRO A 1 57 ? -8.461  -0.712  -7.572  1.00 28.01 ? 57  PRO A N   1 
ATOM   450 C CA  . PRO A 1 57 ? -8.936  -2.103  -7.585  1.00 29.18 ? 57  PRO A CA  1 
ATOM   451 C C   . PRO A 1 57 ? -8.202  -2.983  -8.599  1.00 29.65 ? 57  PRO A C   1 
ATOM   452 O O   . PRO A 1 57 ? -7.977  -2.533  -9.717  1.00 28.97 ? 57  PRO A O   1 
ATOM   453 C CB  . PRO A 1 57 ? -10.406 -1.961  -7.989  1.00 28.93 ? 57  PRO A CB  1 
ATOM   454 C CG  . PRO A 1 57 ? -10.799 -0.605  -7.507  1.00 28.61 ? 57  PRO A CG  1 
ATOM   455 C CD  . PRO A 1 57 ? -9.574  0.253   -7.639  1.00 28.43 ? 57  PRO A CD  1 
ATOM   456 N N   . HIS A 1 58 ? -7.855  -4.208  -8.200  1.00 31.40 ? 58  HIS A N   1 
ATOM   457 C CA  . HIS A 1 58 ? -7.163  -5.174  -9.059  1.00 31.90 ? 58  HIS A CA  1 
ATOM   458 C C   . HIS A 1 58 ? -7.957  -6.476  -9.144  1.00 33.82 ? 58  HIS A C   1 
ATOM   459 O O   . HIS A 1 58 ? -8.361  -7.037  -8.116  1.00 34.28 ? 58  HIS A O   1 
ATOM   460 C CB  . HIS A 1 58 ? -5.765  -5.454  -8.508  1.00 32.74 ? 58  HIS A CB  1 
ATOM   461 C CG  . HIS A 1 58 ? -5.038  -6.552  -9.223  1.00 33.86 ? 58  HIS A CG  1 
ATOM   462 N ND1 . HIS A 1 58 ? -4.345  -6.348  -10.400 1.00 36.64 ? 58  HIS A ND1 1 
ATOM   463 C CD2 . HIS A 1 58 ? -4.892  -7.865  -8.924  1.00 36.19 ? 58  HIS A CD2 1 
ATOM   464 C CE1 . HIS A 1 58 ? -3.810  -7.491  -10.794 1.00 35.16 ? 58  HIS A CE1 1 
ATOM   465 N NE2 . HIS A 1 58 ? -4.121  -8.425  -9.914  1.00 36.21 ? 58  HIS A NE2 1 
ATOM   466 O OXT . HIS A 1 58 ? -8.215  -6.996  -10.242 1.00 35.12 ? 58  HIS A OXT 1 
HETATM 467 O O   . HOH B 2 .  ? -8.204  5.711   4.055   1.00 17.61 ? 59  HOH A O   1 
HETATM 468 O O   . HOH B 2 .  ? 3.463   -7.555  -3.971  1.00 14.92 ? 60  HOH A O   1 
HETATM 469 O O   . HOH B 2 .  ? 7.341   -3.035  -9.970  1.00 19.81 ? 61  HOH A O   1 
HETATM 470 O O   . HOH B 2 .  ? -8.351  3.424   -3.010  1.00 21.38 ? 62  HOH A O   1 
HETATM 471 O O   . HOH B 2 .  ? 8.609   -2.176  -6.198  1.00 21.04 ? 63  HOH A O   1 
HETATM 472 O O   . HOH B 2 .  ? 0.495   -14.514 -2.733  1.00 21.28 ? 64  HOH A O   1 
HETATM 473 O O   . HOH B 2 .  ? -9.792  1.359   -1.874  1.00 19.92 ? 65  HOH A O   1 
HETATM 474 O O   . HOH B 2 .  ? -4.857  8.799   0.717   1.00 24.80 ? 66  HOH A O   1 
HETATM 475 O O   . HOH B 2 .  ? 9.791   5.679   -6.636  1.00 20.99 ? 67  HOH A O   1 
HETATM 476 O O   . HOH B 2 .  ? -0.891  1.226   -12.344 1.00 22.26 ? 68  HOH A O   1 
HETATM 477 O O   . HOH B 2 .  ? -0.482  6.911   -13.081 1.00 27.62 ? 69  HOH A O   1 
HETATM 478 O O   . HOH B 2 .  ? -9.767  -5.215  -5.676  1.00 27.35 ? 70  HOH A O   1 
HETATM 479 O O   . HOH B 2 .  ? 7.230   -5.524  7.364   1.00 31.96 ? 71  HOH A O   1 
HETATM 480 O O   . HOH B 2 .  ? 8.738   3.947   -4.855  1.00 26.45 ? 72  HOH A O   1 
HETATM 481 O O   . HOH B 2 .  ? -6.707  6.612   11.664  1.00 36.08 ? 73  HOH A O   1 
HETATM 482 O O   . HOH B 2 .  ? 13.809  3.954   -8.636  1.00 35.14 ? 74  HOH A O   1 
HETATM 483 O O   . HOH B 2 .  ? -3.688  -12.202 2.820   1.00 42.74 ? 75  HOH A O   1 
HETATM 484 O O   . HOH B 2 .  ? -1.947  -0.124  -14.545 1.00 39.16 ? 76  HOH A O   1 
HETATM 485 O O   . HOH B 2 .  ? 9.392   8.219   -7.425  1.00 25.89 ? 77  HOH A O   1 
HETATM 486 O O   . HOH B 2 .  ? 7.640   -4.680  -3.543  1.00 23.67 ? 78  HOH A O   1 
HETATM 487 O O   . HOH B 2 .  ? 10.470  2.031   -4.369  1.00 33.13 ? 79  HOH A O   1 
HETATM 488 O O   . HOH B 2 .  ? -5.770  -10.845 2.408   1.00 38.09 ? 80  HOH A O   1 
HETATM 489 O O   . HOH B 2 .  ? 12.916  6.895   -9.529  1.00 34.74 ? 81  HOH A O   1 
HETATM 490 O O   . HOH B 2 .  ? 9.571   -0.409  -4.137  1.00 32.09 ? 82  HOH A O   1 
HETATM 491 O O   . HOH B 2 .  ? 9.356   -13.924 3.840   1.00 36.07 ? 83  HOH A O   1 
HETATM 492 O O   . HOH B 2 .  ? -5.404  -3.425  -11.260 1.00 49.47 ? 84  HOH A O   1 
HETATM 493 O O   . HOH B 2 .  ? 8.076   -2.477  -1.532  1.00 29.95 ? 85  HOH A O   1 
HETATM 494 O O   . HOH B 2 .  ? 7.082   9.331   0.450   1.00 37.25 ? 86  HOH A O   1 
HETATM 495 O O   . HOH B 2 .  ? 8.641   -14.182 1.291   1.00 25.64 ? 87  HOH A O   1 
HETATM 496 O O   . HOH B 2 .  ? -8.158  12.534  8.944   1.00 40.58 ? 88  HOH A O   1 
HETATM 497 O O   . HOH B 2 .  ? -7.021  -9.322  -10.814 1.00 46.89 ? 89  HOH A O   1 
HETATM 498 O O   . HOH B 2 .  ? -8.850  -0.376  -11.297 1.00 41.09 ? 90  HOH A O   1 
HETATM 499 O O   . HOH B 2 .  ? -1.817  4.294   -15.566 1.00 45.77 ? 91  HOH A O   1 
HETATM 500 O O   . HOH B 2 .  ? 11.789  -12.263 3.977   1.00 30.85 ? 92  HOH A O   1 
HETATM 501 O O   . HOH B 2 .  ? -6.271  -4.966  -13.001 1.00 47.08 ? 93  HOH A O   1 
HETATM 502 O O   . HOH B 2 .  ? -3.276  3.855   -13.018 1.00 37.91 ? 94  HOH A O   1 
HETATM 503 O O   . HOH B 2 .  ? -6.559  9.169   -6.324  1.00 34.95 ? 95  HOH A O   1 
HETATM 504 O O   . HOH B 2 .  ? -7.419  -7.975  2.242   1.00 37.21 ? 96  HOH A O   1 
HETATM 505 O O   . HOH B 2 .  ? -1.784  -14.056 -3.912  1.00 40.53 ? 97  HOH A O   1 
HETATM 506 O O   . HOH B 2 .  ? -1.942  -14.166 -6.523  1.00 40.37 ? 98  HOH A O   1 
HETATM 507 O O   . HOH B 2 .  ? -6.035  8.688   -9.122  1.00 35.19 ? 99  HOH A O   1 
HETATM 508 O O   . HOH B 2 .  ? 1.434   6.910   8.713   1.00 46.43 ? 100 HOH A O   1 
HETATM 509 O O   . HOH B 2 .  ? 9.372   2.775   4.600   1.00 44.45 ? 101 HOH A O   1 
HETATM 510 O O   . HOH B 2 .  ? 7.374   -1.273  5.953   1.00 42.63 ? 102 HOH A O   1 
HETATM 511 O O   . HOH B 2 .  ? -4.317  5.593   10.779  1.00 57.68 ? 103 HOH A O   1 
HETATM 512 O O   . HOH B 2 .  ? -1.915  -2.437  -14.612 1.00 34.62 ? 104 HOH A O   1 
HETATM 513 O O   . HOH B 2 .  ? -9.086  -9.063  -4.948  1.00 29.87 ? 105 HOH A O   1 
HETATM 514 O O   . HOH B 2 .  ? 0.172   5.705   10.466  1.00 50.04 ? 106 HOH A O   1 
HETATM 515 O O   . HOH B 2 .  ? -6.736  5.387   -8.259  1.00 57.06 ? 107 HOH A O   1 
HETATM 516 O O   . HOH B 2 .  ? 9.009   10.833  -0.750  1.00 62.57 ? 108 HOH A O   1 
HETATM 517 O O   . HOH B 2 .  ? -8.685  6.679   -5.982  1.00 41.63 ? 109 HOH A O   1 
HETATM 518 O O   . HOH B 2 .  ? -6.656  11.801  -10.422 1.00 60.45 ? 110 HOH A O   1 
HETATM 519 O O   . HOH B 2 .  ? 10.813  -13.784 0.154   1.00 36.80 ? 111 HOH A O   1 
HETATM 520 O O   . HOH B 2 .  ? -4.945  5.549   -12.269 1.00 42.08 ? 112 HOH A O   1 
HETATM 521 O O   . HOH B 2 .  ? -3.620  -10.287 3.874   1.00 44.82 ? 113 HOH A O   1 
HETATM 522 O O   . HOH B 2 .  ? 7.520   -13.594 6.150   1.00 55.03 ? 114 HOH A O   1 
HETATM 523 O O   . HOH B 2 .  ? -11.365 -3.667  6.354   1.00 41.96 ? 115 HOH A O   1 
HETATM 524 O O   . HOH B 2 .  ? -3.503  -1.270  -16.337 1.00 55.41 ? 116 HOH A O   1 
HETATM 525 O O   . HOH B 2 .  ? 13.640  2.832   -5.527  1.00 49.88 ? 117 HOH A O   1 
HETATM 526 O O   . HOH B 2 .  ? 11.682  5.964   6.340   1.00 56.86 ? 118 HOH A O   1 
# 
